data_7NV1
#
_entry.id   7NV1
#
loop_
_entity.id
_entity.type
_entity.pdbx_description
1 polymer 'Proliferating cell nuclear antigen'
2 polymer 'DNA polymerase kappa'
3 polymer 'DNA Primer'
4 polymer 'DNA Template'
5 non-polymer "THYMIDINE-5'-TRIPHOSPHATE"
#
loop_
_entity_poly.entity_id
_entity_poly.type
_entity_poly.pdbx_seq_one_letter_code
_entity_poly.pdbx_strand_id
1 'polypeptide(L)'
;GPHMFEARLVQGSILKKVLEALKDLINEACWDISSSGVNLQSMDSSHVSLVQLTLRSEGFDTYRCDRNLAMGVNLTSMSK
ILKCAGNEDIITLRAEDNADTLALVFEAPNQEKVSDYEMKLMDLDVEQLGIPEQEYSCVVKMPSGEFARICRDLSHIGDA
VVISCAKDGVKFSASGELGNGNIKLSQTSNVDKEEEAVTIEMNEPVQLTFALRYLNFFTKATPLSSTVTLSMSADVPLVV
EYKIADMGHLKYYLAPKIEDEEGS
;
B,C,D
2 'polypeptide(L)'
;MDSTKEKCDSYKDDLLLRMGLNDNKAGMEGLDKEKINKIIMEATKGSRFYGNELKKEKQVNQRIENMMQQKAQITSQQLR
KAQLQVDRFAMELEQSRNLSNTIVHIDMDAFYAAVEMRDNPELKDKPIAVGSMSMLSTSNYHARRFGVRAAMPGFIAKRL
CPQLIIVPPNFDKYRAVSKEVKEILADYDPNFMAMSLDEAYLNITKHLEERQNWPEDKRRYFIKMGSSVENDNPGKEVNK
LSEHERSISPLLFEESPSDVQPPGDPFQVNFEEQNNPQILQNSVVFGTSAQEVVKEIRFRIEQKTTLTASAGIAPNTMLA
KVCSDKNKPNGQYQILPNRQAVMDFIKDLPIRKVSGIGKVTEKMLKALGIITCTELYQQRALLSLLFSETSWHYFLHISL
GLGSTHLTRDGERKSMSVERTFSEINKAEEQYSLCQELCSELAQDLQKERLKGRTVTIKLKNVNFEVKTRASTVSSVVST
AEEIFAIAKELLKTEIDADFPHPLRLRLMGVRISSFPNEEDRKHQQRSIIGFLQAGNQALSATECTLEKTDKDKFVKPLE
MSHKKSFFDKKRSERKWSHQDTFKCEAVNKQSFQTSQPFQVLKKKMNENLEISENSDDCQILTCPVCFRAQGCISLEALN
KHVDECLDGPSISENFKMFSCSHVSATKVNKKENVPASSLCEKQDYEAHPKIKEISSVDCIALVDTIDNSSKAESIDALS
NKHSKEECSSLPSKSFNIEHCHQNSSSTVSLENEDVGSFRQEYRQPYLCEVKTGQALVCPVCNVEQKTSDLTLFNVHVDV
CLNKSFIQELRKDKFNPVNQPKESSRSTGSSSGVQKAVTRTKRPGLMTKYSTSKKIKPNNPKHTLDIFFK
;
A
3 'polydeoxyribonucleotide'
;(DA)(DG)(DC)(DT)(DA)(DT)(DG)(DA)(DC)(DC)(DA)(DT)(DG)(DA)(DT)(DT)(DA)(DC)(DG)(DA)
(DA)(DT)(DT)(DG)(DOC)
;
P
4 'polydeoxyribonucleotide'
;(DC)(DT)(DG)(DC)(DA)(DC)(DG)(DA)(DA)(DT)(DT)(DA)(DA)(DG)(DC)(DA)(DA)(DT)(DT)(DC)
(DG)(DT)(DA)(DA)(DT)(DC)(DA)(DT)(DG)(DG)(DT)(DC)(DA)(DT)(DA)(DG)(DC)(DT)
;
T
#
loop_
_chem_comp.id
_chem_comp.type
_chem_comp.name
_chem_comp.formula
DA DNA linking 2'-DEOXYADENOSINE-5'-MONOPHOSPHATE 'C10 H14 N5 O6 P'
DC DNA linking 2'-DEOXYCYTIDINE-5'-MONOPHOSPHATE 'C9 H14 N3 O7 P'
DG DNA linking 2'-DEOXYGUANOSINE-5'-MONOPHOSPHATE 'C10 H14 N5 O7 P'
DOC DNA linking 2',3'-DIDEOXYCYTIDINE-5'-MONOPHOSPHATE 'C9 H14 N3 O6 P'
DT DNA linking THYMIDINE-5'-MONOPHOSPHATE 'C10 H15 N2 O8 P'
TTP non-polymer THYMIDINE-5'-TRIPHOSPHATE 'C10 H17 N2 O14 P3'
#
# COMPACT_ATOMS: atom_id res chain seq x y z
N MET A 4 -40.91 42.38 -8.39
CA MET A 4 -40.80 41.34 -9.41
C MET A 4 -39.57 41.55 -10.28
N PHE A 5 -38.42 41.09 -9.80
CA PHE A 5 -37.16 41.24 -10.54
C PHE A 5 -36.98 40.07 -11.49
N GLU A 6 -36.70 40.38 -12.75
CA GLU A 6 -36.44 39.38 -13.79
C GLU A 6 -35.18 39.77 -14.56
N ALA A 7 -34.24 38.84 -14.69
CA ALA A 7 -33.00 39.09 -15.43
C ALA A 7 -32.76 37.92 -16.37
N ARG A 8 -33.00 38.10 -17.67
CA ARG A 8 -32.87 37.03 -18.64
C ARG A 8 -31.63 37.25 -19.48
N LEU A 9 -30.68 36.32 -19.34
CA LEU A 9 -29.40 36.27 -20.04
C LEU A 9 -29.46 35.15 -21.07
N VAL A 10 -28.87 35.40 -22.25
CA VAL A 10 -29.05 34.50 -23.39
C VAL A 10 -27.81 33.64 -23.62
N GLN A 11 -26.66 34.07 -23.11
CA GLN A 11 -25.48 33.21 -23.11
C GLN A 11 -25.36 32.63 -21.71
N GLY A 12 -25.89 31.43 -21.50
CA GLY A 12 -26.04 30.90 -20.17
C GLY A 12 -24.76 30.38 -19.54
N SER A 13 -23.68 30.35 -20.30
CA SER A 13 -22.44 29.81 -19.75
C SER A 13 -21.68 30.83 -18.92
N ILE A 14 -22.08 32.10 -19.00
CA ILE A 14 -21.42 33.23 -18.36
C ILE A 14 -21.46 33.08 -16.84
N LEU A 15 -22.68 33.02 -16.30
CA LEU A 15 -22.90 32.85 -14.87
C LEU A 15 -22.31 31.54 -14.35
N LYS A 16 -22.30 30.51 -15.20
CA LYS A 16 -21.70 29.23 -14.83
C LYS A 16 -20.21 29.38 -14.58
N LYS A 17 -19.49 29.99 -15.52
CA LYS A 17 -18.05 30.14 -15.32
C LYS A 17 -17.75 31.10 -14.16
N VAL A 18 -18.58 32.13 -13.97
CA VAL A 18 -18.44 33.04 -12.84
C VAL A 18 -18.58 32.30 -11.51
N LEU A 19 -19.70 31.62 -11.32
CA LEU A 19 -19.97 31.02 -10.02
C LEU A 19 -19.09 29.83 -9.72
N GLU A 20 -18.68 29.08 -10.75
CA GLU A 20 -17.63 28.11 -10.54
C GLU A 20 -16.28 28.76 -10.25
N ALA A 21 -16.11 30.03 -10.62
CA ALA A 21 -14.94 30.73 -10.12
C ALA A 21 -15.13 31.35 -8.75
N LEU A 22 -16.35 31.35 -8.20
CA LEU A 22 -16.56 31.98 -6.90
C LEU A 22 -16.87 31.02 -5.75
N LYS A 23 -17.46 29.85 -6.05
CA LYS A 23 -17.89 28.92 -5.00
C LYS A 23 -16.73 28.32 -4.22
N ASP A 24 -15.52 28.39 -4.74
CA ASP A 24 -14.37 27.87 -4.03
C ASP A 24 -13.90 28.80 -2.93
N LEU A 25 -14.02 30.11 -3.15
CA LEU A 25 -13.36 31.09 -2.29
C LEU A 25 -14.25 31.56 -1.15
N ILE A 26 -15.38 32.16 -1.49
CA ILE A 26 -16.27 32.75 -0.50
C ILE A 26 -17.52 31.88 -0.40
N ASN A 27 -18.16 31.91 0.76
CA ASN A 27 -19.21 30.95 1.07
C ASN A 27 -20.60 31.52 0.84
N GLU A 28 -20.95 32.57 1.58
CA GLU A 28 -22.18 33.31 1.38
C GLU A 28 -21.82 34.70 0.91
N ALA A 29 -22.72 35.32 0.17
CA ALA A 29 -22.46 36.64 -0.37
C ALA A 29 -23.77 37.35 -0.62
N CYS A 30 -23.67 38.65 -0.90
CA CYS A 30 -24.82 39.51 -1.09
C CYS A 30 -24.92 39.90 -2.55
N TRP A 31 -26.14 39.79 -3.09
CA TRP A 31 -26.47 40.19 -4.44
C TRP A 31 -27.30 41.46 -4.38
N ASP A 32 -26.77 42.55 -4.91
CA ASP A 32 -27.47 43.82 -4.89
C ASP A 32 -28.07 44.04 -6.26
N ILE A 33 -29.39 44.19 -6.31
CA ILE A 33 -30.17 44.09 -7.53
C ILE A 33 -30.81 45.43 -7.80
N SER A 34 -30.39 46.08 -8.89
CA SER A 34 -30.74 47.46 -9.16
C SER A 34 -30.84 47.69 -10.66
N SER A 35 -31.21 48.92 -11.02
CA SER A 35 -31.26 49.32 -12.42
C SER A 35 -29.89 49.35 -13.07
N SER A 36 -28.82 49.53 -12.29
CA SER A 36 -27.48 49.40 -12.84
C SER A 36 -27.15 47.96 -13.19
N GLY A 37 -27.80 47.00 -12.54
CA GLY A 37 -27.61 45.60 -12.88
C GLY A 37 -27.53 44.74 -11.63
N VAL A 38 -26.57 43.83 -11.64
CA VAL A 38 -26.32 42.91 -10.53
C VAL A 38 -24.94 43.20 -9.98
N ASN A 39 -24.87 43.44 -8.68
CA ASN A 39 -23.62 43.83 -8.04
C ASN A 39 -23.29 42.88 -6.92
N LEU A 40 -22.00 42.71 -6.68
CA LEU A 40 -21.53 41.92 -5.54
C LEU A 40 -20.17 42.43 -5.12
N GLN A 41 -20.04 42.71 -3.83
CA GLN A 41 -18.74 42.85 -3.21
C GLN A 41 -18.74 41.98 -1.96
N SER A 42 -17.74 41.13 -1.84
CA SER A 42 -17.67 40.31 -0.65
C SER A 42 -16.21 40.00 -0.36
N MET A 43 -15.97 39.48 0.83
CA MET A 43 -14.63 39.11 1.24
C MET A 43 -14.58 37.59 1.42
N ASP A 44 -13.38 37.03 1.33
CA ASP A 44 -13.25 35.60 1.61
C ASP A 44 -13.37 35.33 3.09
N SER A 45 -13.41 34.05 3.44
CA SER A 45 -13.52 33.65 4.84
C SER A 45 -12.21 33.78 5.60
N SER A 46 -11.14 34.25 4.96
CA SER A 46 -9.90 34.57 5.64
C SER A 46 -9.54 36.06 5.53
N HIS A 47 -10.44 36.87 4.96
CA HIS A 47 -10.42 38.34 5.01
C HIS A 47 -9.23 38.95 4.26
N VAL A 48 -8.78 38.27 3.21
CA VAL A 48 -7.66 38.80 2.43
C VAL A 48 -8.15 39.23 1.05
N SER A 49 -8.86 38.35 0.36
CA SER A 49 -9.25 38.65 -1.01
C SER A 49 -10.60 39.35 -1.04
N LEU A 50 -10.81 40.18 -2.04
CA LEU A 50 -12.05 40.94 -2.15
C LEU A 50 -12.64 40.71 -3.53
N VAL A 51 -13.78 40.05 -3.59
CA VAL A 51 -14.43 39.73 -4.85
C VAL A 51 -15.39 40.87 -5.20
N GLN A 52 -15.26 41.39 -6.41
CA GLN A 52 -16.12 42.46 -6.90
C GLN A 52 -16.67 42.05 -8.25
N LEU A 53 -17.93 41.61 -8.28
CA LEU A 53 -18.59 41.24 -9.52
C LEU A 53 -19.54 42.35 -9.93
N THR A 54 -19.40 42.83 -11.17
CA THR A 54 -20.28 43.86 -11.68
C THR A 54 -20.89 43.38 -12.99
N LEU A 55 -22.22 43.33 -13.05
CA LEU A 55 -22.93 43.01 -14.28
C LEU A 55 -23.85 44.17 -14.64
N ARG A 56 -23.65 44.74 -15.81
CA ARG A 56 -24.45 45.86 -16.29
C ARG A 56 -25.73 45.33 -16.91
N SER A 57 -26.63 46.23 -17.30
CA SER A 57 -27.94 45.82 -17.79
C SER A 57 -28.05 45.82 -19.31
N GLU A 58 -26.96 46.09 -20.02
CA GLU A 58 -27.05 46.25 -21.46
C GLU A 58 -27.25 44.91 -22.17
N GLY A 59 -26.58 43.87 -21.70
CA GLY A 59 -26.54 42.62 -22.44
C GLY A 59 -27.39 41.51 -21.86
N PHE A 60 -28.01 41.76 -20.70
CA PHE A 60 -29.14 40.93 -20.30
C PHE A 60 -30.22 41.05 -21.37
N ASP A 61 -30.69 39.91 -21.86
CA ASP A 61 -31.60 39.94 -23.00
C ASP A 61 -32.94 40.54 -22.64
N THR A 62 -33.32 40.48 -21.36
CA THR A 62 -34.48 41.27 -20.90
C THR A 62 -34.29 41.53 -19.42
N TYR A 63 -34.38 42.80 -19.02
CA TYR A 63 -34.16 43.18 -17.64
C TYR A 63 -35.41 43.86 -17.12
N ARG A 64 -35.73 43.64 -15.84
CA ARG A 64 -36.86 44.32 -15.21
C ARG A 64 -36.65 44.32 -13.71
N CYS A 65 -36.28 45.46 -13.15
CA CYS A 65 -35.98 45.53 -11.72
C CYS A 65 -36.57 46.82 -11.17
N ASP A 66 -37.67 46.72 -10.43
CA ASP A 66 -38.40 47.90 -10.00
C ASP A 66 -37.85 48.46 -8.70
N ARG A 67 -37.86 47.66 -7.65
CA ARG A 67 -37.27 48.06 -6.38
C ARG A 67 -35.77 47.80 -6.42
N ASN A 68 -35.10 47.85 -5.28
CA ASN A 68 -33.67 47.53 -5.22
C ASN A 68 -33.49 46.48 -4.13
N LEU A 69 -33.22 45.24 -4.55
CA LEU A 69 -33.21 44.12 -3.61
C LEU A 69 -31.80 43.77 -3.16
N ALA A 70 -31.71 43.01 -2.09
CA ALA A 70 -30.48 42.37 -1.66
C ALA A 70 -30.78 40.93 -1.28
N MET A 71 -30.03 40.00 -1.85
CA MET A 71 -30.25 38.58 -1.68
C MET A 71 -28.99 37.93 -1.17
N GLY A 72 -29.06 37.28 0.00
CA GLY A 72 -27.95 36.53 0.52
C GLY A 72 -28.02 35.11 0.01
N VAL A 73 -26.90 34.62 -0.53
CA VAL A 73 -26.84 33.25 -1.04
C VAL A 73 -25.59 32.55 -0.51
N ASN A 74 -25.73 31.25 -0.27
CA ASN A 74 -24.60 30.37 -0.03
C ASN A 74 -24.15 29.86 -1.38
N LEU A 75 -22.88 30.12 -1.73
CA LEU A 75 -22.46 29.91 -3.11
C LEU A 75 -22.27 28.45 -3.47
N THR A 76 -22.10 27.57 -2.49
CA THR A 76 -21.96 26.15 -2.81
C THR A 76 -23.26 25.56 -3.31
N SER A 77 -24.38 25.89 -2.66
CA SER A 77 -25.67 25.39 -3.13
C SER A 77 -26.08 26.05 -4.44
N MET A 78 -25.76 27.33 -4.60
CA MET A 78 -26.04 28.03 -5.85
C MET A 78 -25.23 27.45 -7.00
N SER A 79 -23.99 27.03 -6.74
CA SER A 79 -23.16 26.48 -7.80
C SER A 79 -23.53 25.03 -8.11
N LYS A 80 -23.94 24.27 -7.10
CA LYS A 80 -24.48 22.95 -7.38
C LYS A 80 -25.82 23.00 -8.10
N ILE A 81 -26.54 24.11 -8.03
CA ILE A 81 -27.61 24.27 -9.01
C ILE A 81 -27.04 24.69 -10.36
N LEU A 82 -25.95 25.46 -10.36
CA LEU A 82 -25.35 25.86 -11.63
C LEU A 82 -24.40 24.81 -12.21
N LYS A 83 -24.51 23.54 -11.81
CA LYS A 83 -23.98 22.41 -12.55
C LYS A 83 -25.07 21.55 -13.17
N CYS A 84 -26.20 22.14 -13.53
CA CYS A 84 -27.34 21.36 -13.99
C CYS A 84 -27.87 21.90 -15.30
N ALA A 85 -27.08 22.70 -16.01
CA ALA A 85 -27.54 23.21 -17.29
C ALA A 85 -26.40 23.12 -18.30
N GLY A 86 -26.78 22.93 -19.56
CA GLY A 86 -25.79 22.83 -20.60
C GLY A 86 -25.19 24.17 -20.93
N ASN A 87 -24.14 24.15 -21.73
CA ASN A 87 -23.40 25.35 -22.07
C ASN A 87 -24.08 26.18 -23.16
N GLU A 88 -25.34 25.89 -23.49
CA GLU A 88 -26.07 26.60 -24.54
C GLU A 88 -27.50 26.88 -24.10
N ASP A 89 -27.68 27.33 -22.87
CA ASP A 89 -29.02 27.57 -22.36
C ASP A 89 -29.27 29.05 -22.11
N ILE A 90 -30.53 29.37 -21.86
CA ILE A 90 -30.99 30.72 -21.58
C ILE A 90 -31.35 30.79 -20.11
N ILE A 91 -30.63 31.60 -19.34
CA ILE A 91 -30.89 31.73 -17.91
C ILE A 91 -31.96 32.78 -17.70
N THR A 92 -32.95 32.49 -16.86
CA THR A 92 -33.88 33.48 -16.35
C THR A 92 -33.77 33.49 -14.84
N LEU A 93 -33.02 34.45 -14.29
CA LEU A 93 -32.99 34.65 -12.85
C LEU A 93 -34.21 35.46 -12.45
N ARG A 94 -34.77 35.14 -11.31
CA ARG A 94 -36.01 35.78 -10.89
C ARG A 94 -35.99 35.95 -9.39
N ALA A 95 -36.66 36.99 -8.91
CA ALA A 95 -36.88 37.15 -7.48
C ALA A 95 -38.13 37.96 -7.25
N GLU A 96 -38.65 37.87 -6.05
CA GLU A 96 -39.82 38.63 -5.63
C GLU A 96 -39.50 39.30 -4.31
N ASP A 97 -40.34 40.24 -3.92
CA ASP A 97 -40.26 40.79 -2.57
C ASP A 97 -41.15 40.05 -1.59
N ASN A 98 -42.05 39.19 -2.08
CA ASN A 98 -43.00 38.46 -1.25
C ASN A 98 -42.47 37.10 -0.84
N ALA A 99 -41.24 36.78 -1.26
CA ALA A 99 -40.68 35.46 -1.02
C ALA A 99 -39.18 35.58 -0.83
N ASP A 100 -38.61 34.53 -0.22
CA ASP A 100 -37.18 34.41 0.00
C ASP A 100 -36.60 33.32 -0.91
N THR A 101 -37.08 33.27 -2.15
CA THR A 101 -36.74 32.21 -3.08
C THR A 101 -36.20 32.82 -4.36
N LEU A 102 -34.94 32.57 -4.64
CA LEU A 102 -34.33 33.01 -5.89
C LEU A 102 -34.65 31.94 -6.93
N ALA A 103 -35.50 32.28 -7.88
CA ALA A 103 -35.92 31.31 -8.87
C ALA A 103 -34.94 31.34 -10.03
N LEU A 104 -34.68 30.18 -10.60
CA LEU A 104 -33.87 30.08 -11.81
C LEU A 104 -34.65 29.24 -12.79
N VAL A 105 -34.62 29.61 -14.07
CA VAL A 105 -35.19 28.77 -15.11
C VAL A 105 -34.15 28.66 -16.22
N PHE A 106 -33.80 27.43 -16.57
CA PHE A 106 -32.93 27.17 -17.71
C PHE A 106 -33.76 26.77 -18.92
N GLU A 107 -33.69 27.57 -19.97
CA GLU A 107 -34.41 27.30 -21.21
C GLU A 107 -33.45 26.67 -22.21
N ALA A 108 -33.90 25.61 -22.86
CA ALA A 108 -33.11 24.91 -23.86
C ALA A 108 -33.81 24.96 -25.22
N PRO A 109 -33.05 25.19 -26.29
CA PRO A 109 -33.64 25.28 -27.63
C PRO A 109 -34.01 23.91 -28.20
N GLU A 112 -36.53 20.96 -25.90
CA GLU A 112 -37.75 21.06 -25.10
C GLU A 112 -37.54 20.56 -23.68
N LYS A 113 -36.47 21.02 -23.04
CA LYS A 113 -36.09 20.63 -21.69
C LYS A 113 -35.80 21.89 -20.88
N VAL A 114 -36.84 22.45 -20.26
CA VAL A 114 -36.65 23.56 -19.35
C VAL A 114 -36.26 22.98 -17.99
N SER A 115 -35.65 23.80 -17.16
CA SER A 115 -35.16 23.34 -15.87
C SER A 115 -35.49 24.38 -14.82
N ASP A 116 -36.52 24.11 -14.02
CA ASP A 116 -36.96 25.02 -12.97
C ASP A 116 -36.19 24.74 -11.70
N TYR A 117 -35.79 25.79 -11.00
CA TYR A 117 -35.18 25.68 -9.69
C TYR A 117 -35.72 26.79 -8.82
N GLU A 118 -35.94 26.52 -7.55
CA GLU A 118 -36.46 27.50 -6.61
C GLU A 118 -35.54 27.47 -5.40
N MET A 119 -34.39 28.14 -5.49
CA MET A 119 -33.40 28.00 -4.44
C MET A 119 -33.75 28.87 -3.24
N LYS A 120 -33.44 28.36 -2.05
CA LYS A 120 -33.52 29.16 -0.83
C LYS A 120 -32.53 30.31 -0.86
N LEU A 121 -32.95 31.45 -0.32
CA LEU A 121 -32.04 32.53 0.03
C LEU A 121 -31.64 32.36 1.49
N MET A 122 -31.04 33.41 2.04
CA MET A 122 -30.84 33.52 3.47
C MET A 122 -30.91 35.00 3.82
N ASP A 123 -30.48 35.34 5.04
CA ASP A 123 -30.33 36.74 5.43
C ASP A 123 -29.01 36.93 6.16
N LEU A 124 -28.06 37.57 5.48
CA LEU A 124 -26.76 37.89 6.04
C LEU A 124 -26.77 39.34 6.51
N ASP A 125 -25.75 39.72 7.28
CA ASP A 125 -25.58 41.10 7.75
C ASP A 125 -24.62 41.77 6.77
N VAL A 126 -25.16 42.67 5.95
CA VAL A 126 -24.48 43.12 4.74
C VAL A 126 -23.33 44.05 5.10
N GLU A 127 -22.34 44.11 4.22
CA GLU A 127 -21.19 45.01 4.34
C GLU A 127 -20.98 45.65 2.99
N GLN A 128 -21.34 46.93 2.88
CA GLN A 128 -21.07 47.69 1.68
C GLN A 128 -19.78 48.49 1.88
N LEU A 129 -18.67 47.92 1.44
CA LEU A 129 -17.38 48.60 1.50
C LEU A 129 -17.02 49.09 0.10
N GLY A 130 -16.59 50.33 0.03
CA GLY A 130 -16.23 50.93 -1.24
C GLY A 130 -14.75 50.73 -1.55
N ILE A 131 -14.44 50.78 -2.84
CA ILE A 131 -13.06 50.76 -3.31
C ILE A 131 -12.72 52.15 -3.82
N PRO A 132 -11.83 52.89 -3.16
CA PRO A 132 -11.30 54.11 -3.76
C PRO A 132 -10.49 53.77 -4.99
N GLU A 133 -10.83 54.39 -6.11
CA GLU A 133 -10.19 54.13 -7.38
C GLU A 133 -8.85 54.86 -7.41
N GLN A 134 -7.79 54.11 -7.73
CA GLN A 134 -6.45 54.67 -7.83
C GLN A 134 -6.03 54.72 -9.29
N GLU A 135 -4.94 55.43 -9.54
CA GLU A 135 -4.28 55.40 -10.83
C GLU A 135 -3.15 54.39 -10.75
N TYR A 136 -3.24 53.34 -11.57
CA TYR A 136 -2.38 52.19 -11.43
C TYR A 136 -1.01 52.42 -12.04
N SER A 137 0.00 51.88 -11.38
CA SER A 137 1.36 51.97 -11.90
C SER A 137 1.51 51.12 -13.15
N CYS A 138 1.07 49.87 -13.12
CA CYS A 138 1.18 49.01 -14.29
C CYS A 138 -0.09 48.23 -14.52
N VAL A 139 -0.55 48.21 -15.77
CA VAL A 139 -1.67 47.40 -16.18
C VAL A 139 -1.23 46.55 -17.36
N VAL A 140 -1.27 45.23 -17.19
CA VAL A 140 -0.86 44.30 -18.23
C VAL A 140 -2.08 43.52 -18.69
N LYS A 141 -2.05 43.15 -19.97
CA LYS A 141 -3.10 42.35 -20.58
C LYS A 141 -2.45 41.14 -21.19
N MET A 142 -2.86 39.95 -20.76
CA MET A 142 -2.26 38.72 -21.23
C MET A 142 -3.39 37.72 -21.46
N PRO A 143 -3.20 36.72 -22.34
CA PRO A 143 -4.29 35.77 -22.57
C PRO A 143 -4.51 34.92 -21.33
N SER A 144 -5.78 34.56 -21.12
CA SER A 144 -6.21 34.05 -19.82
C SER A 144 -5.61 32.69 -19.52
N GLY A 145 -5.50 31.84 -20.55
CA GLY A 145 -4.96 30.51 -20.35
C GLY A 145 -3.49 30.51 -19.99
N GLU A 146 -2.74 31.49 -20.47
CA GLU A 146 -1.32 31.52 -20.19
C GLU A 146 -1.07 31.94 -18.75
N PHE A 147 -1.90 32.83 -18.23
CA PHE A 147 -1.80 33.17 -16.81
C PHE A 147 -2.24 32.00 -15.93
N ALA A 148 -3.31 31.30 -16.34
CA ALA A 148 -3.74 30.13 -15.58
C ALA A 148 -2.65 29.06 -15.53
N ARG A 149 -1.98 28.85 -16.66
CA ARG A 149 -0.86 27.92 -16.70
C ARG A 149 0.30 28.39 -15.84
N ILE A 150 0.60 29.69 -15.85
CA ILE A 150 1.76 30.19 -15.10
C ILE A 150 1.53 30.09 -13.60
N CYS A 151 0.32 30.40 -13.13
CA CYS A 151 0.08 30.26 -11.70
C CYS A 151 0.01 28.80 -11.30
N ARG A 152 -0.70 27.96 -12.05
CA ARG A 152 -0.87 26.56 -11.65
C ARG A 152 0.50 25.90 -11.66
N ASP A 153 1.26 26.15 -12.71
CA ASP A 153 2.59 25.61 -12.84
C ASP A 153 3.47 26.06 -11.66
N LEU A 154 3.28 27.32 -11.23
CA LEU A 154 4.12 27.90 -10.20
C LEU A 154 3.74 27.42 -8.81
N SER A 155 2.53 26.89 -8.65
CA SER A 155 2.06 26.49 -7.33
C SER A 155 2.79 25.24 -6.82
N HIS A 156 3.40 24.47 -7.72
CA HIS A 156 4.15 23.29 -7.29
C HIS A 156 5.51 23.64 -6.73
N ILE A 157 5.93 24.89 -6.86
CA ILE A 157 7.30 25.26 -6.52
C ILE A 157 7.38 25.92 -5.14
N GLY A 158 6.43 26.79 -4.81
CA GLY A 158 6.38 27.39 -3.50
C GLY A 158 5.04 28.04 -3.27
N ASP A 159 5.00 29.13 -2.51
CA ASP A 159 3.76 29.90 -2.39
C ASP A 159 3.95 31.41 -2.47
N ALA A 160 5.17 31.92 -2.59
CA ALA A 160 5.43 33.36 -2.53
C ALA A 160 5.74 33.88 -3.93
N VAL A 161 4.72 34.35 -4.64
CA VAL A 161 4.94 34.80 -6.02
C VAL A 161 5.34 36.27 -6.02
N VAL A 162 6.49 36.56 -6.59
CA VAL A 162 6.95 37.94 -6.68
C VAL A 162 6.73 38.39 -8.11
N ILE A 163 5.68 39.16 -8.35
CA ILE A 163 5.42 39.67 -9.69
C ILE A 163 6.28 40.91 -9.88
N SER A 164 7.10 40.90 -10.92
CA SER A 164 7.91 42.04 -11.29
C SER A 164 7.42 42.56 -12.63
N CYS A 165 7.67 43.85 -12.87
CA CYS A 165 7.24 44.46 -14.12
C CYS A 165 8.21 45.56 -14.49
N ALA A 166 8.73 45.48 -15.72
CA ALA A 166 9.42 46.55 -16.41
C ALA A 166 8.88 46.62 -17.84
N LYS A 167 9.22 47.70 -18.55
CA LYS A 167 8.64 47.97 -19.87
C LYS A 167 9.01 46.91 -20.90
N ASP A 168 10.19 46.32 -20.76
CA ASP A 168 10.56 45.22 -21.63
C ASP A 168 9.92 43.90 -21.24
N GLY A 169 9.62 43.68 -19.96
CA GLY A 169 9.17 42.36 -19.59
C GLY A 169 8.48 42.24 -18.24
N VAL A 170 7.52 41.32 -18.16
CA VAL A 170 6.85 40.99 -16.91
C VAL A 170 7.39 39.67 -16.40
N LYS A 171 7.85 39.66 -15.15
CA LYS A 171 8.78 38.63 -14.66
C LYS A 171 8.26 38.03 -13.37
N PHE A 172 7.72 36.84 -13.45
CA PHE A 172 7.16 36.15 -12.31
C PHE A 172 8.32 35.43 -11.64
N SER A 173 8.46 35.55 -10.35
CA SER A 173 9.39 34.67 -9.67
C SER A 173 8.69 33.93 -8.55
N ALA A 174 9.38 32.94 -8.02
CA ALA A 174 8.92 32.22 -6.84
C ALA A 174 10.16 31.76 -6.10
N SER A 175 9.98 30.81 -5.19
CA SER A 175 11.06 30.09 -4.53
C SER A 175 10.45 28.83 -3.95
N GLY A 176 11.17 28.20 -3.04
CA GLY A 176 10.64 27.03 -2.37
C GLY A 176 11.77 26.14 -1.91
N GLU A 177 11.41 24.88 -1.65
CA GLU A 177 12.33 23.90 -1.11
C GLU A 177 13.25 23.29 -2.16
N LEU A 178 13.08 23.64 -3.44
CA LEU A 178 13.90 23.10 -4.51
C LEU A 178 14.58 24.19 -5.34
N GLY A 179 13.92 25.28 -5.67
CA GLY A 179 14.57 26.35 -6.41
C GLY A 179 13.57 27.15 -7.20
N ASN A 180 13.99 28.36 -7.58
CA ASN A 180 13.06 29.41 -7.98
C ASN A 180 12.61 29.26 -9.43
N GLY A 181 11.32 29.01 -9.64
CA GLY A 181 10.82 28.97 -11.01
C GLY A 181 10.51 30.33 -11.62
N ASN A 182 11.45 30.84 -12.39
CA ASN A 182 11.56 32.27 -12.70
C ASN A 182 11.02 32.59 -14.09
N ILE A 183 9.71 32.58 -14.22
CA ILE A 183 9.07 32.70 -15.53
C ILE A 183 9.19 34.14 -16.03
N LYS A 184 9.29 34.32 -17.35
CA LYS A 184 9.25 35.64 -17.96
C LYS A 184 8.16 35.70 -19.00
N LEU A 185 7.88 36.90 -19.47
CA LEU A 185 7.03 37.16 -20.62
C LEU A 185 7.46 38.50 -21.20
N SER A 186 7.87 38.53 -22.46
CA SER A 186 8.40 39.75 -23.05
C SER A 186 7.32 40.50 -23.81
N GLN A 187 7.67 41.70 -24.24
CA GLN A 187 6.78 42.55 -25.01
C GLN A 187 6.61 42.02 -26.43
N THR A 188 5.37 41.84 -26.86
CA THR A 188 5.10 41.28 -28.19
C THR A 188 4.79 42.37 -29.21
N GLU A 194 -4.94 38.13 -33.59
CA GLU A 194 -4.10 38.82 -32.62
C GLU A 194 -4.91 39.33 -31.44
N GLU A 195 -5.81 38.50 -30.93
CA GLU A 195 -6.44 38.71 -29.63
C GLU A 195 -5.69 38.01 -28.52
N GLU A 196 -4.49 37.51 -28.79
CA GLU A 196 -3.72 36.70 -27.87
C GLU A 196 -2.33 37.28 -27.70
N ALA A 197 -2.27 38.58 -27.44
CA ALA A 197 -1.01 39.28 -27.27
C ALA A 197 -0.81 39.65 -25.81
N VAL A 198 0.38 40.18 -25.51
CA VAL A 198 0.70 40.68 -24.17
C VAL A 198 1.06 42.16 -24.27
N THR A 199 0.26 43.01 -23.62
CA THR A 199 0.45 44.45 -23.66
C THR A 199 0.71 44.96 -22.26
N ILE A 200 1.75 45.78 -22.12
CA ILE A 200 2.22 46.27 -20.84
C ILE A 200 2.12 47.79 -20.86
N GLU A 201 1.25 48.35 -20.02
CA GLU A 201 1.18 49.80 -19.81
C GLU A 201 1.87 50.09 -18.50
N MET A 202 3.06 50.70 -18.58
CA MET A 202 3.96 50.83 -17.45
C MET A 202 4.19 52.29 -17.14
N ASN A 203 4.31 52.61 -15.86
CA ASN A 203 4.67 53.96 -15.41
C ASN A 203 5.95 53.95 -14.58
N GLU A 204 6.03 53.07 -13.57
CA GLU A 204 7.21 52.84 -12.77
C GLU A 204 7.40 51.33 -12.60
N PRO A 205 8.64 50.84 -12.51
CA PRO A 205 8.85 49.40 -12.36
C PRO A 205 8.40 48.90 -11.01
N VAL A 206 7.77 47.75 -11.01
CA VAL A 206 7.11 47.21 -9.82
C VAL A 206 7.76 45.88 -9.47
N GLN A 207 7.85 45.57 -8.18
CA GLN A 207 8.31 44.27 -7.71
C GLN A 207 7.61 43.96 -6.39
N LEU A 208 6.57 43.15 -6.43
CA LEU A 208 5.66 43.06 -5.30
C LEU A 208 5.23 41.62 -5.03
N THR A 209 5.08 41.28 -3.76
CA THR A 209 4.84 39.90 -3.32
C THR A 209 3.34 39.63 -3.26
N PHE A 210 2.96 38.39 -3.53
CA PHE A 210 1.58 37.91 -3.39
C PHE A 210 1.66 36.45 -2.97
N ALA A 211 0.51 35.85 -2.69
CA ALA A 211 0.44 34.45 -2.30
C ALA A 211 -0.39 33.63 -3.29
N LEU A 212 0.19 32.52 -3.75
CA LEU A 212 -0.33 31.78 -4.90
C LEU A 212 -1.59 31.00 -4.56
N ARG A 213 -1.80 30.67 -3.29
CA ARG A 213 -2.88 29.80 -2.90
C ARG A 213 -4.24 30.46 -2.98
N TYR A 214 -4.32 31.75 -3.30
CA TYR A 214 -5.56 32.42 -3.64
C TYR A 214 -5.63 32.82 -5.10
N LEU A 215 -4.48 33.03 -5.74
CA LEU A 215 -4.47 33.22 -7.18
C LEU A 215 -4.95 31.97 -7.89
N ASN A 216 -4.69 30.81 -7.32
CA ASN A 216 -5.24 29.56 -7.82
C ASN A 216 -6.76 29.55 -7.72
N PHE A 217 -7.30 30.20 -6.71
CA PHE A 217 -8.76 30.32 -6.63
C PHE A 217 -9.25 31.36 -7.62
N PHE A 218 -8.37 32.31 -7.97
CA PHE A 218 -8.75 33.37 -8.91
C PHE A 218 -8.84 32.84 -10.33
N THR A 219 -7.85 32.06 -10.76
CA THR A 219 -7.70 31.73 -12.18
C THR A 219 -8.68 30.70 -12.67
N LYS A 220 -9.66 30.31 -11.88
CA LYS A 220 -10.75 29.49 -12.35
C LYS A 220 -11.85 30.31 -13.02
N ALA A 221 -11.61 31.60 -13.24
CA ALA A 221 -12.40 32.42 -14.14
C ALA A 221 -11.74 32.54 -15.51
N THR A 222 -10.76 31.69 -15.79
CA THR A 222 -10.13 31.65 -17.11
C THR A 222 -11.10 31.37 -18.27
N PRO A 223 -12.06 30.44 -18.19
CA PRO A 223 -12.94 30.27 -19.35
C PRO A 223 -13.96 31.40 -19.59
N LEU A 224 -13.96 32.48 -18.80
CA LEU A 224 -14.87 33.59 -19.07
C LEU A 224 -14.41 34.38 -20.29
N SER A 225 -13.20 34.92 -20.23
CA SER A 225 -12.66 35.73 -21.30
C SER A 225 -11.44 35.06 -21.92
N SER A 226 -11.11 35.52 -23.12
CA SER A 226 -9.89 35.05 -23.76
C SER A 226 -8.66 35.65 -23.09
N THR A 227 -8.78 36.84 -22.51
CA THR A 227 -7.63 37.51 -21.93
C THR A 227 -8.02 38.20 -20.63
N VAL A 228 -7.02 38.35 -19.78
CA VAL A 228 -7.15 38.91 -18.44
C VAL A 228 -6.35 40.21 -18.42
N THR A 229 -6.69 41.09 -17.47
CA THR A 229 -5.85 42.24 -17.21
C THR A 229 -5.48 42.32 -15.73
N LEU A 230 -4.19 42.40 -15.46
CA LEU A 230 -3.69 42.67 -14.12
C LEU A 230 -3.48 44.17 -13.98
N SER A 231 -3.81 44.68 -12.80
CA SER A 231 -3.77 46.11 -12.52
C SER A 231 -3.10 46.29 -11.18
N MET A 232 -1.99 47.02 -11.16
CA MET A 232 -1.13 47.06 -10.00
C MET A 232 -0.69 48.48 -9.68
N SER A 233 -0.48 48.73 -8.39
CA SER A 233 0.15 49.94 -7.88
C SER A 233 1.09 49.54 -6.74
N ALA A 234 1.97 50.44 -6.36
CA ALA A 234 2.87 50.17 -5.24
C ALA A 234 2.10 50.25 -3.93
N ASP A 235 2.05 49.14 -3.20
CA ASP A 235 1.44 48.91 -1.89
C ASP A 235 -0.10 48.93 -1.90
N VAL A 236 -0.73 49.24 -3.02
CA VAL A 236 -2.19 49.14 -3.15
C VAL A 236 -2.52 47.70 -3.54
N PRO A 237 -3.59 47.12 -2.99
CA PRO A 237 -4.02 45.78 -3.42
C PRO A 237 -4.31 45.70 -4.91
N LEU A 238 -3.87 44.61 -5.54
CA LEU A 238 -3.94 44.55 -6.98
C LEU A 238 -5.32 44.07 -7.42
N VAL A 239 -5.67 44.45 -8.65
CA VAL A 239 -6.86 43.98 -9.33
C VAL A 239 -6.44 42.92 -10.32
N VAL A 240 -7.10 41.77 -10.29
CA VAL A 240 -7.04 40.80 -11.37
C VAL A 240 -8.42 40.81 -12.00
N GLU A 241 -8.53 41.26 -13.24
CA GLU A 241 -9.83 41.53 -13.83
C GLU A 241 -10.09 40.67 -15.04
N TYR A 242 -11.18 39.92 -14.98
CA TYR A 242 -11.65 39.08 -16.07
C TYR A 242 -12.92 39.69 -16.64
N LYS A 243 -12.83 40.19 -17.85
CA LYS A 243 -13.92 40.95 -18.46
C LYS A 243 -14.80 40.03 -19.26
N ILE A 244 -16.01 39.78 -18.75
CA ILE A 244 -17.09 39.33 -19.63
C ILE A 244 -17.31 40.40 -20.67
N ALA A 245 -17.43 39.99 -21.93
CA ALA A 245 -17.60 40.94 -23.01
C ALA A 245 -19.04 41.45 -23.01
N ASP A 246 -19.20 42.77 -22.84
CA ASP A 246 -20.46 43.51 -22.92
C ASP A 246 -21.47 43.10 -21.84
N MET A 247 -21.01 42.61 -20.71
CA MET A 247 -21.88 42.36 -19.56
C MET A 247 -21.39 43.07 -18.32
N GLY A 248 -20.08 43.16 -18.15
CA GLY A 248 -19.52 43.80 -16.98
C GLY A 248 -18.11 43.33 -16.80
N HIS A 249 -17.74 43.03 -15.56
CA HIS A 249 -16.45 42.43 -15.29
C HIS A 249 -16.52 41.68 -13.98
N LEU A 250 -15.48 40.91 -13.71
CA LEU A 250 -15.31 40.26 -12.43
C LEU A 250 -13.90 40.55 -11.97
N LYS A 251 -13.78 41.31 -10.90
CA LYS A 251 -12.51 41.75 -10.37
C LYS A 251 -12.22 41.02 -9.08
N TYR A 252 -10.97 40.65 -8.88
CA TYR A 252 -10.52 40.04 -7.65
C TYR A 252 -9.45 40.95 -7.10
N TYR A 253 -9.50 41.22 -5.80
CA TYR A 253 -8.52 42.05 -5.15
C TYR A 253 -7.67 41.19 -4.23
N LEU A 254 -6.36 41.33 -4.34
CA LEU A 254 -5.48 40.62 -3.42
C LEU A 254 -4.50 41.61 -2.81
N ALA A 255 -4.15 41.36 -1.58
CA ALA A 255 -3.26 42.25 -0.87
C ALA A 255 -1.85 41.66 -0.83
N PRO A 256 -0.82 42.48 -0.97
CA PRO A 256 0.53 41.98 -0.83
C PRO A 256 0.86 41.62 0.61
N LYS A 257 1.91 40.81 0.75
CA LYS A 257 2.41 40.40 2.04
C LYS A 257 3.70 41.14 2.36
N ILE A 258 3.90 41.42 3.65
CA ILE A 258 5.10 42.04 4.23
C ILE A 258 5.48 43.38 3.59
N MET B 4 -21.05 -30.60 -23.02
CA MET B 4 -20.23 -29.42 -23.30
C MET B 4 -21.14 -28.28 -23.73
N PHE B 5 -20.61 -27.07 -23.64
CA PHE B 5 -21.30 -25.84 -24.05
C PHE B 5 -20.26 -24.93 -24.68
N GLU B 6 -20.48 -24.57 -25.94
CA GLU B 6 -19.60 -23.58 -26.56
C GLU B 6 -20.41 -22.57 -27.33
N ALA B 7 -20.06 -21.30 -27.13
CA ALA B 7 -20.84 -20.18 -27.66
C ALA B 7 -19.89 -19.09 -28.13
N ARG B 8 -19.86 -18.88 -29.44
CA ARG B 8 -19.08 -17.81 -30.05
C ARG B 8 -20.00 -16.65 -30.38
N LEU B 9 -19.54 -15.45 -30.05
CA LEU B 9 -20.27 -14.20 -30.23
C LEU B 9 -19.31 -13.18 -30.82
N VAL B 10 -19.72 -12.57 -31.94
CA VAL B 10 -18.83 -11.70 -32.71
C VAL B 10 -18.69 -10.32 -32.07
N GLN B 11 -19.75 -9.77 -31.47
CA GLN B 11 -19.70 -8.49 -30.79
C GLN B 11 -19.08 -8.71 -29.41
N GLY B 12 -17.77 -8.50 -29.31
CA GLY B 12 -17.08 -8.82 -28.07
C GLY B 12 -17.10 -7.68 -27.07
N SER B 13 -17.83 -6.62 -27.41
CA SER B 13 -18.00 -5.49 -26.51
C SER B 13 -19.23 -5.60 -25.65
N ILE B 14 -20.22 -6.40 -26.04
CA ILE B 14 -21.48 -6.45 -25.32
C ILE B 14 -21.30 -7.11 -23.96
N LEU B 15 -20.52 -8.17 -23.90
CA LEU B 15 -20.16 -8.69 -22.59
C LEU B 15 -19.18 -7.81 -21.83
N LYS B 16 -18.50 -6.86 -22.47
CA LYS B 16 -17.72 -5.92 -21.69
C LYS B 16 -18.55 -4.77 -21.19
N LYS B 17 -19.84 -4.74 -21.49
CA LYS B 17 -20.76 -3.70 -21.03
C LYS B 17 -21.92 -4.25 -20.25
N VAL B 18 -22.46 -5.41 -20.64
CA VAL B 18 -23.48 -6.09 -19.84
C VAL B 18 -22.89 -6.49 -18.51
N LEU B 19 -21.64 -6.93 -18.51
CA LEU B 19 -20.96 -7.30 -17.28
C LEU B 19 -20.11 -6.16 -16.76
N GLU B 20 -20.55 -4.94 -17.01
CA GLU B 20 -20.02 -3.73 -16.42
C GLU B 20 -21.09 -2.93 -15.69
N ALA B 21 -22.33 -3.07 -16.13
CA ALA B 21 -23.49 -2.52 -15.46
C ALA B 21 -23.93 -3.34 -14.27
N LEU B 22 -23.21 -4.42 -13.96
CA LEU B 22 -23.63 -5.41 -12.97
C LEU B 22 -22.45 -5.88 -12.14
N LYS B 23 -21.57 -4.99 -11.73
CA LYS B 23 -20.49 -5.42 -10.87
C LYS B 23 -20.53 -4.79 -9.49
N ASP B 24 -20.96 -3.55 -9.35
CA ASP B 24 -21.13 -2.96 -8.03
C ASP B 24 -22.52 -3.18 -7.48
N LEU B 25 -23.50 -3.44 -8.33
CA LEU B 25 -24.85 -3.72 -7.87
C LEU B 25 -24.93 -5.06 -7.15
N ILE B 26 -24.63 -6.16 -7.86
CA ILE B 26 -24.67 -7.49 -7.29
C ILE B 26 -23.25 -8.07 -7.26
N ASN B 27 -23.11 -9.23 -6.62
CA ASN B 27 -21.81 -9.87 -6.53
C ASN B 27 -21.83 -11.38 -6.71
N GLU B 28 -22.99 -12.02 -6.93
CA GLU B 28 -23.05 -13.46 -7.13
C GLU B 28 -24.38 -13.78 -7.81
N ALA B 29 -24.34 -14.60 -8.85
CA ALA B 29 -25.58 -14.82 -9.60
C ALA B 29 -25.59 -16.20 -10.22
N CYS B 30 -26.71 -16.54 -10.85
CA CYS B 30 -26.96 -17.89 -11.33
C CYS B 30 -27.25 -17.85 -12.83
N TRP B 31 -26.22 -18.09 -13.64
CA TRP B 31 -26.33 -18.09 -15.09
C TRP B 31 -26.95 -19.40 -15.51
N ASP B 32 -28.24 -19.39 -15.82
CA ASP B 32 -28.92 -20.59 -16.30
C ASP B 32 -28.60 -20.74 -17.77
N ILE B 33 -27.55 -21.47 -18.08
CA ILE B 33 -27.13 -21.67 -19.47
C ILE B 33 -27.93 -22.83 -20.02
N SER B 34 -28.87 -22.55 -20.92
CA SER B 34 -29.77 -23.58 -21.41
C SER B 34 -29.87 -23.44 -22.92
N SER B 35 -30.83 -24.14 -23.51
CA SER B 35 -30.88 -24.22 -24.97
C SER B 35 -31.41 -22.94 -25.60
N SER B 36 -32.10 -22.10 -24.83
CA SER B 36 -32.61 -20.86 -25.40
C SER B 36 -31.59 -19.74 -25.33
N GLY B 37 -30.66 -19.79 -24.40
CA GLY B 37 -29.62 -18.79 -24.29
C GLY B 37 -29.36 -18.41 -22.85
N VAL B 38 -28.41 -17.49 -22.69
CA VAL B 38 -27.94 -17.10 -21.36
C VAL B 38 -29.01 -16.27 -20.67
N ASN B 39 -29.33 -16.62 -19.43
CA ASN B 39 -30.21 -15.81 -18.60
C ASN B 39 -29.46 -15.38 -17.36
N LEU B 40 -30.10 -14.51 -16.60
CA LEU B 40 -29.66 -14.14 -15.26
C LEU B 40 -30.86 -13.53 -14.56
N GLN B 41 -31.00 -13.82 -13.28
CA GLN B 41 -31.97 -13.17 -12.42
C GLN B 41 -31.30 -12.94 -11.09
N SER B 42 -31.38 -11.74 -10.55
CA SER B 42 -30.69 -11.50 -9.28
C SER B 42 -31.28 -10.29 -8.57
N MET B 43 -31.78 -10.49 -7.35
CA MET B 43 -31.96 -9.35 -6.48
C MET B 43 -30.62 -9.02 -5.84
N ASP B 44 -30.37 -7.73 -5.62
CA ASP B 44 -29.02 -7.30 -5.29
C ASP B 44 -28.72 -7.49 -3.81
N SER B 45 -27.66 -6.81 -3.35
CA SER B 45 -27.22 -6.94 -1.96
C SER B 45 -28.13 -6.20 -0.98
N SER B 46 -29.12 -5.47 -1.47
CA SER B 46 -30.12 -4.84 -0.63
C SER B 46 -31.50 -5.43 -0.79
N HIS B 47 -31.70 -6.32 -1.76
CA HIS B 47 -32.92 -7.11 -1.94
C HIS B 47 -34.15 -6.25 -2.24
N VAL B 48 -33.98 -5.20 -3.05
CA VAL B 48 -35.11 -4.46 -3.57
C VAL B 48 -35.08 -4.39 -5.10
N SER B 49 -33.90 -4.22 -5.68
CA SER B 49 -33.77 -4.09 -7.13
C SER B 49 -33.59 -5.44 -7.78
N LEU B 50 -34.43 -5.74 -8.76
CA LEU B 50 -34.44 -7.04 -9.42
C LEU B 50 -33.76 -6.88 -10.79
N VAL B 51 -32.56 -7.40 -10.94
CA VAL B 51 -31.94 -7.48 -12.25
C VAL B 51 -32.50 -8.69 -12.97
N GLN B 52 -32.77 -8.54 -14.26
CA GLN B 52 -33.03 -9.67 -15.12
C GLN B 52 -32.24 -9.44 -16.39
N LEU B 53 -31.75 -10.51 -17.02
CA LEU B 53 -30.94 -10.34 -18.21
C LEU B 53 -31.15 -11.52 -19.13
N THR B 54 -31.22 -11.27 -20.43
CA THR B 54 -31.38 -12.36 -21.38
C THR B 54 -30.60 -12.07 -22.65
N LEU B 55 -29.69 -12.99 -23.01
CA LEU B 55 -29.09 -13.02 -24.34
C LEU B 55 -29.58 -14.29 -25.01
N ARG B 56 -30.51 -14.16 -25.95
CA ARG B 56 -31.13 -15.34 -26.54
C ARG B 56 -30.18 -15.94 -27.58
N SER B 57 -30.62 -17.03 -28.21
CA SER B 57 -29.76 -17.86 -29.03
C SER B 57 -29.49 -17.29 -30.42
N GLU B 58 -30.52 -16.76 -31.08
CA GLU B 58 -30.42 -16.42 -32.50
C GLU B 58 -29.53 -15.22 -32.77
N GLY B 59 -29.14 -14.47 -31.75
CA GLY B 59 -28.19 -13.39 -31.96
C GLY B 59 -26.75 -13.80 -31.85
N PHE B 60 -26.49 -15.08 -31.53
CA PHE B 60 -25.13 -15.52 -31.36
C PHE B 60 -24.52 -15.93 -32.70
N ASP B 61 -23.18 -15.89 -32.75
CA ASP B 61 -22.50 -16.33 -33.96
C ASP B 61 -22.60 -17.84 -34.13
N THR B 62 -22.15 -18.61 -33.12
CA THR B 62 -22.50 -20.03 -33.05
C THR B 62 -22.64 -20.44 -31.60
N TYR B 63 -23.34 -21.55 -31.39
CA TYR B 63 -23.89 -21.84 -30.06
C TYR B 63 -24.29 -23.30 -30.02
N ARG B 64 -23.74 -24.06 -29.07
CA ARG B 64 -24.15 -25.44 -28.89
C ARG B 64 -24.09 -25.82 -27.42
N CYS B 65 -25.22 -26.33 -26.91
CA CYS B 65 -25.33 -27.03 -25.63
C CYS B 65 -26.70 -27.71 -25.58
N ASP B 66 -26.76 -28.82 -24.85
CA ASP B 66 -27.99 -29.57 -24.62
C ASP B 66 -28.24 -29.86 -23.15
N ARG B 67 -27.19 -29.96 -22.34
CA ARG B 67 -27.30 -30.06 -20.89
C ARG B 67 -27.64 -28.67 -20.35
N ASN B 68 -28.89 -28.50 -19.91
CA ASN B 68 -29.28 -27.24 -19.31
C ASN B 68 -28.57 -27.07 -17.97
N LEU B 69 -27.42 -26.41 -17.99
CA LEU B 69 -26.60 -26.27 -16.80
C LEU B 69 -26.92 -24.95 -16.10
N ALA B 70 -26.43 -24.84 -14.87
CA ALA B 70 -26.75 -23.66 -14.06
C ALA B 70 -25.48 -23.22 -13.33
N MET B 71 -24.70 -22.37 -13.97
CA MET B 71 -23.42 -21.98 -13.42
C MET B 71 -23.59 -20.91 -12.35
N GLY B 72 -23.00 -21.13 -11.18
CA GLY B 72 -22.93 -20.09 -10.17
C GLY B 72 -21.75 -19.19 -10.44
N VAL B 73 -22.01 -17.97 -10.90
CA VAL B 73 -20.99 -17.10 -11.46
C VAL B 73 -20.81 -15.89 -10.55
N ASN B 74 -19.55 -15.62 -10.17
CA ASN B 74 -19.14 -14.46 -9.41
C ASN B 74 -18.91 -13.30 -10.38
N LEU B 75 -19.76 -12.26 -10.32
CA LEU B 75 -19.72 -11.24 -11.36
C LEU B 75 -18.57 -10.26 -11.19
N THR B 76 -18.06 -10.07 -9.99
CA THR B 76 -16.96 -9.13 -9.80
C THR B 76 -15.66 -9.67 -10.40
N SER B 77 -15.34 -10.93 -10.14
CA SER B 77 -14.15 -11.53 -10.71
C SER B 77 -14.30 -11.73 -12.22
N MET B 78 -15.52 -12.03 -12.67
CA MET B 78 -15.76 -12.18 -14.10
C MET B 78 -15.61 -10.86 -14.83
N SER B 79 -15.98 -9.75 -14.19
CA SER B 79 -15.72 -8.45 -14.80
C SER B 79 -14.25 -8.08 -14.73
N LYS B 80 -13.54 -8.51 -13.69
CA LYS B 80 -12.10 -8.29 -13.67
C LYS B 80 -11.39 -9.10 -14.76
N ILE B 81 -12.00 -10.18 -15.22
CA ILE B 81 -11.44 -10.94 -16.35
C ILE B 81 -11.89 -10.35 -17.69
N LEU B 82 -13.18 -10.03 -17.83
CA LEU B 82 -13.63 -9.43 -19.09
C LEU B 82 -13.11 -8.01 -19.32
N LYS B 83 -12.54 -7.36 -18.31
CA LYS B 83 -11.85 -6.11 -18.56
C LYS B 83 -10.41 -6.33 -19.05
N CYS B 84 -10.10 -7.53 -19.54
CA CYS B 84 -8.81 -7.85 -20.12
C CYS B 84 -8.92 -8.18 -21.60
N ALA B 85 -9.97 -7.71 -22.26
CA ALA B 85 -10.22 -8.01 -23.66
C ALA B 85 -10.29 -6.70 -24.43
N GLY B 86 -10.05 -6.78 -25.73
CA GLY B 86 -10.22 -5.64 -26.58
C GLY B 86 -11.69 -5.34 -26.80
N ASN B 87 -11.95 -4.24 -27.48
CA ASN B 87 -13.34 -3.88 -27.72
C ASN B 87 -13.94 -4.62 -28.90
N GLU B 88 -13.17 -4.83 -29.96
CA GLU B 88 -13.70 -5.45 -31.17
C GLU B 88 -13.36 -6.93 -31.29
N ASP B 89 -13.12 -7.59 -30.15
CA ASP B 89 -12.75 -9.00 -30.17
C ASP B 89 -13.98 -9.87 -30.38
N ILE B 90 -13.78 -11.18 -30.37
CA ILE B 90 -14.84 -12.17 -30.53
C ILE B 90 -14.71 -13.16 -29.38
N ILE B 91 -15.82 -13.43 -28.71
CA ILE B 91 -15.81 -14.07 -27.39
C ILE B 91 -16.51 -15.42 -27.48
N THR B 92 -15.83 -16.47 -27.04
CA THR B 92 -16.37 -17.82 -27.06
C THR B 92 -16.33 -18.41 -25.65
N LEU B 93 -17.46 -18.94 -25.21
CA LEU B 93 -17.61 -19.52 -23.88
C LEU B 93 -17.56 -21.04 -23.99
N ARG B 94 -16.83 -21.68 -23.06
CA ARG B 94 -16.56 -23.11 -23.08
C ARG B 94 -16.79 -23.70 -21.70
N ALA B 95 -17.59 -24.76 -21.63
CA ALA B 95 -17.87 -25.41 -20.35
C ALA B 95 -18.07 -26.90 -20.54
N GLU B 96 -17.44 -27.70 -19.69
CA GLU B 96 -17.74 -29.12 -19.61
C GLU B 96 -18.94 -29.34 -18.69
N ASP B 97 -19.37 -30.59 -18.58
CA ASP B 97 -20.65 -30.87 -17.92
C ASP B 97 -20.54 -30.71 -16.42
N ASN B 98 -19.54 -31.33 -15.80
CA ASN B 98 -19.43 -31.35 -14.36
C ASN B 98 -18.23 -30.47 -14.00
N ALA B 99 -18.15 -29.33 -14.66
CA ALA B 99 -16.97 -28.49 -14.66
C ALA B 99 -16.95 -27.59 -13.43
N ASP B 100 -15.77 -27.50 -12.84
CA ASP B 100 -15.49 -26.51 -11.82
C ASP B 100 -15.17 -25.15 -12.41
N THR B 101 -14.75 -25.09 -13.67
CA THR B 101 -14.27 -23.85 -14.26
C THR B 101 -14.99 -23.57 -15.58
N LEU B 102 -14.77 -22.37 -16.10
CA LEU B 102 -15.40 -21.91 -17.33
C LEU B 102 -14.37 -21.16 -18.16
N ALA B 103 -14.28 -21.45 -19.45
CA ALA B 103 -13.22 -20.91 -20.30
C ALA B 103 -13.77 -19.84 -21.25
N LEU B 104 -13.06 -18.73 -21.33
CA LEU B 104 -13.39 -17.58 -22.17
C LEU B 104 -12.34 -17.48 -23.27
N VAL B 105 -12.78 -17.27 -24.50
CA VAL B 105 -11.89 -17.19 -25.65
C VAL B 105 -12.06 -15.82 -26.28
N PHE B 106 -10.99 -15.05 -26.31
CA PHE B 106 -10.95 -13.72 -26.91
C PHE B 106 -10.07 -13.80 -28.15
N GLU B 107 -10.71 -13.82 -29.31
CA GLU B 107 -9.99 -13.81 -30.58
C GLU B 107 -10.11 -12.44 -31.20
N ALA B 108 -8.98 -11.78 -31.40
CA ALA B 108 -8.99 -10.52 -32.14
C ALA B 108 -9.25 -10.80 -33.61
N PRO B 109 -9.84 -9.85 -34.34
CA PRO B 109 -9.90 -9.99 -35.80
C PRO B 109 -8.54 -9.89 -36.49
N ASN B 110 -7.51 -9.39 -35.81
CA ASN B 110 -6.14 -9.50 -36.30
C ASN B 110 -5.64 -10.93 -36.29
N GLN B 111 -6.23 -11.79 -35.46
CA GLN B 111 -6.10 -13.25 -35.41
C GLN B 111 -4.74 -13.73 -34.93
N GLU B 112 -3.77 -12.84 -34.73
CA GLU B 112 -2.45 -13.28 -34.28
C GLU B 112 -2.45 -13.53 -32.79
N LYS B 113 -3.25 -12.77 -32.04
CA LYS B 113 -3.34 -12.89 -30.60
C LYS B 113 -4.66 -13.56 -30.26
N VAL B 114 -4.59 -14.66 -29.50
CA VAL B 114 -5.77 -15.33 -29.00
C VAL B 114 -5.61 -15.52 -27.50
N SER B 115 -6.72 -15.36 -26.78
CA SER B 115 -6.73 -15.33 -25.32
C SER B 115 -7.69 -16.39 -24.81
N ASP B 116 -7.25 -17.14 -23.81
CA ASP B 116 -8.05 -18.19 -23.20
C ASP B 116 -7.97 -18.00 -21.69
N TYR B 117 -9.03 -17.50 -21.10
CA TYR B 117 -9.07 -17.32 -19.66
C TYR B 117 -9.92 -18.41 -19.05
N GLU B 118 -9.66 -18.72 -17.79
CA GLU B 118 -10.35 -19.82 -17.14
C GLU B 118 -10.74 -19.40 -15.73
N MET B 119 -12.03 -19.39 -15.47
CA MET B 119 -12.62 -18.78 -14.28
C MET B 119 -13.17 -19.87 -13.36
N LYS B 120 -12.79 -19.81 -12.08
CA LYS B 120 -13.24 -20.76 -11.09
C LYS B 120 -14.63 -20.38 -10.61
N LEU B 121 -15.55 -21.34 -10.66
CA LEU B 121 -16.94 -21.11 -10.36
C LEU B 121 -17.20 -21.25 -8.86
N MET B 122 -18.48 -21.31 -8.52
CA MET B 122 -18.99 -21.59 -7.18
C MET B 122 -20.32 -22.31 -7.38
N ASP B 123 -21.10 -22.43 -6.32
CA ASP B 123 -22.48 -22.90 -6.46
C ASP B 123 -23.37 -22.26 -5.43
N LEU B 124 -24.51 -21.75 -5.90
CA LEU B 124 -25.53 -21.13 -5.07
C LEU B 124 -26.89 -21.51 -5.66
N ASP B 125 -27.94 -21.21 -4.91
CA ASP B 125 -29.29 -21.29 -5.44
C ASP B 125 -29.95 -19.92 -5.28
N VAL B 126 -30.57 -19.45 -6.37
CA VAL B 126 -31.21 -18.15 -6.39
C VAL B 126 -32.70 -18.40 -6.58
N GLU B 127 -33.49 -17.43 -6.18
CA GLU B 127 -34.94 -17.50 -6.29
C GLU B 127 -35.29 -17.13 -7.73
N GLN B 128 -35.93 -18.04 -8.44
CA GLN B 128 -36.52 -17.72 -9.73
C GLN B 128 -37.93 -17.12 -9.53
N LEU B 129 -37.94 -15.95 -8.88
CA LEU B 129 -39.16 -15.23 -8.56
C LEU B 129 -39.70 -14.68 -9.87
N GLY B 130 -40.58 -15.47 -10.49
CA GLY B 130 -41.04 -15.19 -11.83
C GLY B 130 -41.90 -13.95 -11.95
N ILE B 131 -41.64 -13.20 -13.01
CA ILE B 131 -42.34 -11.94 -13.29
C ILE B 131 -43.32 -12.20 -14.42
N PRO B 132 -44.60 -12.36 -14.15
CA PRO B 132 -45.54 -12.85 -15.16
C PRO B 132 -46.02 -11.69 -16.04
N GLU B 133 -46.97 -12.02 -16.92
CA GLU B 133 -47.48 -11.07 -17.90
C GLU B 133 -48.32 -10.01 -17.21
N GLN B 134 -47.96 -8.75 -17.44
CA GLN B 134 -48.67 -7.61 -16.89
C GLN B 134 -49.03 -6.65 -18.02
N GLU B 135 -49.97 -5.76 -17.74
CA GLU B 135 -50.26 -4.63 -18.62
C GLU B 135 -50.01 -3.35 -17.86
N TYR B 136 -49.56 -2.34 -18.56
CA TYR B 136 -49.02 -1.14 -17.93
C TYR B 136 -49.99 0.03 -18.08
N SER B 137 -49.50 1.18 -17.63
CA SER B 137 -50.20 2.45 -17.73
C SER B 137 -49.47 3.43 -18.61
N CYS B 138 -48.20 3.71 -18.32
CA CYS B 138 -47.47 4.67 -19.15
C CYS B 138 -46.13 4.12 -19.55
N VAL B 139 -45.77 4.40 -20.80
CA VAL B 139 -44.49 4.02 -21.39
C VAL B 139 -43.80 5.31 -21.85
N VAL B 140 -42.50 5.38 -21.59
CA VAL B 140 -41.74 6.56 -21.99
C VAL B 140 -40.41 6.11 -22.57
N LYS B 141 -40.17 6.50 -23.81
CA LYS B 141 -39.07 5.97 -24.60
C LYS B 141 -38.13 7.12 -24.91
N MET B 142 -36.93 7.07 -24.37
CA MET B 142 -36.16 8.31 -24.33
C MET B 142 -34.68 8.07 -24.58
N PRO B 143 -33.88 9.10 -24.85
CA PRO B 143 -32.44 8.92 -24.98
C PRO B 143 -31.78 8.43 -23.71
N SER B 144 -30.57 7.93 -23.87
CA SER B 144 -29.89 7.32 -22.74
C SER B 144 -28.98 8.30 -22.02
N GLY B 145 -28.21 9.09 -22.77
CA GLY B 145 -27.42 10.14 -22.16
C GLY B 145 -28.26 11.18 -21.46
N GLU B 146 -29.49 11.40 -21.94
CA GLU B 146 -30.41 12.33 -21.30
C GLU B 146 -30.89 11.79 -19.95
N PHE B 147 -31.17 10.51 -19.87
CA PHE B 147 -31.64 9.94 -18.61
C PHE B 147 -30.52 9.89 -17.59
N ALA B 148 -29.30 9.58 -18.03
CA ALA B 148 -28.16 9.63 -17.12
C ALA B 148 -27.89 11.05 -16.65
N ARG B 149 -28.08 12.03 -17.53
CA ARG B 149 -27.88 13.42 -17.15
C ARG B 149 -28.94 13.88 -16.16
N ILE B 150 -30.20 13.50 -16.37
CA ILE B 150 -31.29 13.91 -15.50
C ILE B 150 -31.10 13.36 -14.09
N CYS B 151 -30.75 12.07 -13.99
CA CYS B 151 -30.58 11.50 -12.67
C CYS B 151 -29.32 12.02 -11.98
N ARG B 152 -28.25 12.29 -12.74
CA ARG B 152 -27.07 12.86 -12.08
C ARG B 152 -27.28 14.33 -11.73
N ASP B 153 -28.22 15.02 -12.38
CA ASP B 153 -28.58 16.35 -11.90
C ASP B 153 -29.35 16.28 -10.60
N LEU B 154 -30.45 15.53 -10.59
CA LEU B 154 -31.31 15.54 -9.42
C LEU B 154 -30.68 14.86 -8.20
N SER B 155 -29.59 14.10 -8.38
CA SER B 155 -28.91 13.55 -7.21
C SER B 155 -27.97 14.53 -6.53
N HIS B 156 -27.81 15.74 -7.05
CA HIS B 156 -27.12 16.76 -6.28
C HIS B 156 -28.07 17.60 -5.45
N ILE B 157 -29.34 17.64 -5.85
CA ILE B 157 -30.32 18.44 -5.14
C ILE B 157 -30.82 17.69 -3.92
N GLY B 158 -31.54 16.59 -4.14
CA GLY B 158 -32.13 15.83 -3.05
C GLY B 158 -31.65 14.39 -3.04
N ASP B 159 -32.50 13.52 -2.49
CA ASP B 159 -32.29 12.09 -2.63
C ASP B 159 -33.59 11.32 -2.75
N ALA B 160 -34.65 11.96 -3.25
CA ALA B 160 -35.86 11.26 -3.68
C ALA B 160 -36.38 12.00 -4.90
N VAL B 161 -37.15 11.29 -5.74
CA VAL B 161 -37.64 11.83 -7.00
C VAL B 161 -39.11 11.49 -7.15
N VAL B 162 -39.94 12.49 -7.40
CA VAL B 162 -41.29 12.26 -7.88
C VAL B 162 -41.22 12.25 -9.39
N ILE B 163 -41.75 11.21 -10.01
CA ILE B 163 -41.85 11.14 -11.46
C ILE B 163 -43.33 11.16 -11.82
N SER B 164 -43.71 12.13 -12.65
CA SER B 164 -45.10 12.21 -13.09
C SER B 164 -45.17 12.26 -14.60
N CYS B 165 -46.10 11.50 -15.15
CA CYS B 165 -46.29 11.38 -16.58
C CYS B 165 -47.74 11.72 -16.89
N ALA B 166 -47.91 12.71 -17.77
CA ALA B 166 -49.18 13.16 -18.31
C ALA B 166 -49.09 13.18 -19.84
N LYS B 167 -50.22 13.54 -20.46
CA LYS B 167 -50.40 13.47 -21.91
C LYS B 167 -49.37 14.28 -22.67
N ASP B 168 -48.89 15.38 -22.08
CA ASP B 168 -47.95 16.28 -22.72
C ASP B 168 -46.51 16.06 -22.28
N GLY B 169 -46.27 15.07 -21.41
CA GLY B 169 -44.89 14.84 -21.08
C GLY B 169 -44.70 14.48 -19.63
N VAL B 170 -43.46 14.61 -19.18
CA VAL B 170 -43.01 14.05 -17.91
C VAL B 170 -42.40 15.16 -17.07
N LYS B 171 -42.57 15.07 -15.76
CA LYS B 171 -41.91 15.91 -14.78
C LYS B 171 -41.05 15.05 -13.87
N PHE B 172 -39.77 15.38 -13.78
CA PHE B 172 -38.87 14.79 -12.82
C PHE B 172 -38.65 15.85 -11.74
N SER B 173 -39.33 15.71 -10.59
CA SER B 173 -39.37 16.72 -9.53
C SER B 173 -38.58 16.22 -8.32
N ALA B 174 -37.56 16.95 -7.91
CA ALA B 174 -36.68 16.47 -6.85
C ALA B 174 -36.50 17.55 -5.80
N SER B 175 -37.25 17.44 -4.71
CA SER B 175 -37.05 18.36 -3.60
C SER B 175 -35.77 18.01 -2.85
N GLY B 176 -35.33 18.94 -2.01
CA GLY B 176 -34.14 18.72 -1.23
C GLY B 176 -34.13 19.60 0.00
N GLU B 177 -32.94 19.78 0.56
CA GLU B 177 -32.80 20.75 1.64
C GLU B 177 -32.60 22.16 1.12
N LEU B 178 -32.31 22.32 -0.17
CA LEU B 178 -31.94 23.62 -0.73
C LEU B 178 -32.85 24.03 -1.87
N GLY B 179 -34.02 23.42 -2.00
CA GLY B 179 -34.91 23.97 -3.00
C GLY B 179 -35.18 22.97 -4.10
N ASN B 180 -36.45 22.84 -4.45
CA ASN B 180 -36.89 21.72 -5.26
C ASN B 180 -36.51 21.92 -6.73
N GLY B 181 -35.58 21.09 -7.20
CA GLY B 181 -35.31 21.04 -8.62
C GLY B 181 -36.48 20.45 -9.39
N ASN B 182 -36.53 20.76 -10.66
CA ASN B 182 -37.63 20.31 -11.49
C ASN B 182 -37.17 20.33 -12.93
N ILE B 183 -37.34 19.22 -13.64
CA ILE B 183 -36.98 19.17 -15.06
C ILE B 183 -38.20 18.63 -15.81
N LYS B 184 -38.59 19.31 -16.88
CA LYS B 184 -39.84 19.04 -17.58
C LYS B 184 -39.56 18.70 -19.03
N LEU B 185 -40.02 17.52 -19.47
CA LEU B 185 -39.74 17.03 -20.81
C LEU B 185 -41.04 16.77 -21.57
N SER B 186 -41.02 17.08 -22.86
CA SER B 186 -42.17 16.94 -23.73
C SER B 186 -41.81 16.03 -24.90
N GLN B 187 -42.79 15.77 -25.75
CA GLN B 187 -42.67 14.78 -26.80
C GLN B 187 -41.80 15.28 -27.94
N THR B 188 -41.90 14.61 -29.08
CA THR B 188 -41.23 15.02 -30.28
C THR B 188 -42.08 14.64 -31.47
N SER B 189 -42.32 15.61 -32.35
CA SER B 189 -43.11 15.42 -33.56
C SER B 189 -42.20 15.62 -34.77
N ASN B 190 -42.03 14.54 -35.55
CA ASN B 190 -41.29 14.52 -36.83
C ASN B 190 -39.83 14.93 -36.66
N VAL B 191 -39.07 14.08 -35.97
CA VAL B 191 -37.62 14.23 -35.88
C VAL B 191 -36.98 12.88 -35.62
N GLU B 194 -33.88 11.36 -35.27
CA GLU B 194 -32.78 10.50 -34.86
C GLU B 194 -33.00 9.92 -33.47
N GLU B 195 -32.07 10.19 -32.56
CA GLU B 195 -32.16 9.69 -31.20
C GLU B 195 -32.94 10.62 -30.27
N GLU B 196 -33.32 11.81 -30.74
CA GLU B 196 -33.86 12.81 -29.84
C GLU B 196 -35.29 12.50 -29.40
N ALA B 197 -35.96 11.57 -30.08
CA ALA B 197 -37.37 11.31 -29.86
C ALA B 197 -37.62 10.79 -28.45
N VAL B 198 -38.48 11.50 -27.72
CA VAL B 198 -38.89 11.12 -26.37
C VAL B 198 -40.38 10.79 -26.50
N THR B 199 -40.69 9.57 -26.93
CA THR B 199 -42.06 9.23 -27.24
C THR B 199 -42.74 8.71 -25.99
N ILE B 200 -43.81 9.38 -25.59
CA ILE B 200 -44.43 9.16 -24.29
C ILE B 200 -45.89 8.81 -24.52
N GLU B 201 -46.23 7.56 -24.31
CA GLU B 201 -47.60 7.10 -24.54
C GLU B 201 -48.24 6.68 -23.22
N MET B 202 -49.56 6.76 -23.16
CA MET B 202 -50.22 6.69 -21.86
C MET B 202 -51.69 6.32 -21.98
N ASN B 203 -52.16 5.52 -21.04
CA ASN B 203 -53.59 5.29 -20.87
C ASN B 203 -54.18 6.04 -19.69
N GLU B 204 -53.43 6.19 -18.59
CA GLU B 204 -53.85 6.96 -17.42
C GLU B 204 -52.61 7.58 -16.79
N PRO B 205 -52.68 8.79 -16.23
CA PRO B 205 -51.46 9.47 -15.77
C PRO B 205 -50.84 8.80 -14.55
N VAL B 206 -49.58 9.14 -14.30
CA VAL B 206 -48.78 8.48 -13.28
C VAL B 206 -48.09 9.52 -12.41
N GLN B 207 -48.22 9.39 -11.10
CA GLN B 207 -47.29 10.04 -10.17
C GLN B 207 -46.77 8.99 -9.20
N LEU B 208 -45.52 8.62 -9.37
CA LEU B 208 -44.87 7.68 -8.47
C LEU B 208 -43.62 8.35 -7.92
N THR B 209 -42.94 7.67 -7.01
CA THR B 209 -41.77 8.24 -6.39
C THR B 209 -40.73 7.19 -6.11
N PHE B 210 -39.46 7.54 -6.33
CA PHE B 210 -38.38 6.56 -6.28
C PHE B 210 -37.15 7.19 -5.63
N ALA B 211 -36.18 6.34 -5.35
CA ALA B 211 -34.96 6.79 -4.70
C ALA B 211 -33.91 7.07 -5.76
N LEU B 212 -32.81 7.67 -5.32
CA LEU B 212 -31.76 8.07 -6.23
C LEU B 212 -30.41 7.49 -5.84
N ARG B 213 -30.37 6.58 -4.89
CA ARG B 213 -29.14 5.86 -4.71
C ARG B 213 -28.98 4.79 -5.78
N TYR B 214 -30.09 4.38 -6.40
CA TYR B 214 -30.07 3.29 -7.36
C TYR B 214 -30.14 3.77 -8.81
N LEU B 215 -30.71 4.93 -9.06
CA LEU B 215 -30.70 5.49 -10.40
C LEU B 215 -29.41 6.20 -10.73
N ASN B 216 -28.39 6.05 -9.90
CA ASN B 216 -27.02 6.30 -10.29
C ASN B 216 -26.27 5.00 -10.48
N PHE B 217 -26.93 3.88 -10.20
CA PHE B 217 -26.45 2.55 -10.54
C PHE B 217 -27.13 1.98 -11.77
N PHE B 218 -28.42 2.21 -11.93
CA PHE B 218 -29.19 1.69 -13.03
C PHE B 218 -28.79 2.29 -14.37
N THR B 219 -28.41 3.55 -14.40
CA THR B 219 -27.95 4.19 -15.63
C THR B 219 -26.43 4.17 -15.67
N LYS B 220 -25.85 3.09 -15.18
CA LYS B 220 -24.49 2.72 -15.53
C LYS B 220 -24.47 1.83 -16.76
N ALA B 221 -25.64 1.46 -17.26
CA ALA B 221 -25.79 0.62 -18.43
C ALA B 221 -25.89 1.45 -19.70
N THR B 222 -25.58 2.74 -19.57
CA THR B 222 -25.86 3.66 -20.67
C THR B 222 -24.99 3.48 -21.93
N PRO B 223 -23.77 2.92 -21.89
CA PRO B 223 -23.13 2.58 -23.17
C PRO B 223 -23.67 1.34 -23.85
N LEU B 224 -24.66 0.66 -23.27
CA LEU B 224 -25.17 -0.56 -23.87
C LEU B 224 -26.20 -0.24 -24.94
N SER B 225 -26.80 0.94 -24.88
CA SER B 225 -27.82 1.29 -25.83
C SER B 225 -27.80 2.79 -26.05
N SER B 226 -28.75 3.27 -26.83
CA SER B 226 -28.96 4.68 -27.05
C SER B 226 -30.38 5.13 -26.82
N THR B 227 -31.30 4.20 -26.56
CA THR B 227 -32.62 4.54 -26.06
C THR B 227 -32.90 3.65 -24.86
N VAL B 228 -33.24 4.26 -23.72
CA VAL B 228 -33.79 3.50 -22.61
C VAL B 228 -35.29 3.61 -22.68
N THR B 229 -36.00 2.68 -22.06
CA THR B 229 -37.42 2.89 -21.88
C THR B 229 -37.71 2.78 -20.39
N LEU B 230 -38.70 3.53 -19.92
CA LEU B 230 -39.22 3.33 -18.59
C LEU B 230 -40.69 3.00 -18.70
N SER B 231 -41.14 2.13 -17.81
CA SER B 231 -42.54 1.78 -17.75
C SER B 231 -43.04 1.90 -16.33
N MET B 232 -44.28 2.37 -16.18
CA MET B 232 -44.82 2.61 -14.85
C MET B 232 -46.31 2.36 -14.81
N SER B 233 -46.77 1.88 -13.65
CA SER B 233 -48.19 1.86 -13.28
C SER B 233 -48.31 1.90 -11.76
N ALA B 234 -49.53 1.67 -11.28
CA ALA B 234 -49.83 1.70 -9.84
C ALA B 234 -49.77 0.29 -9.27
N ASP B 235 -49.13 0.15 -8.11
CA ASP B 235 -48.96 -1.11 -7.38
C ASP B 235 -48.21 -2.16 -8.21
N VAL B 236 -47.21 -1.68 -8.96
CA VAL B 236 -46.31 -2.45 -9.84
C VAL B 236 -45.01 -1.65 -9.88
N PRO B 237 -43.84 -2.27 -9.77
CA PRO B 237 -42.59 -1.49 -9.78
C PRO B 237 -42.26 -0.89 -11.15
N LEU B 238 -41.45 0.18 -11.09
CA LEU B 238 -40.84 0.79 -12.26
C LEU B 238 -39.96 -0.19 -13.01
N VAL B 239 -40.10 -0.22 -14.34
CA VAL B 239 -39.39 -1.13 -15.23
C VAL B 239 -38.43 -0.32 -16.10
N VAL B 240 -37.14 -0.44 -15.84
CA VAL B 240 -36.11 0.28 -16.57
C VAL B 240 -35.52 -0.70 -17.58
N GLU B 241 -35.82 -0.53 -18.86
CA GLU B 241 -35.48 -1.54 -19.85
C GLU B 241 -34.42 -1.01 -20.81
N TYR B 242 -33.38 -1.80 -21.03
CA TYR B 242 -32.40 -1.53 -22.05
C TYR B 242 -32.48 -2.61 -23.11
N LYS B 243 -32.30 -2.23 -24.37
CA LYS B 243 -32.15 -3.20 -25.44
C LYS B 243 -30.69 -3.28 -25.84
N ILE B 244 -30.30 -4.47 -26.29
CA ILE B 244 -28.93 -4.73 -26.69
C ILE B 244 -29.01 -4.91 -28.20
N ALA B 245 -27.90 -5.24 -28.86
CA ALA B 245 -27.87 -5.24 -30.33
C ALA B 245 -28.70 -6.36 -30.94
N ASP B 246 -30.02 -6.30 -30.73
CA ASP B 246 -31.03 -7.27 -31.14
C ASP B 246 -30.67 -8.71 -30.74
N MET B 247 -29.99 -8.89 -29.62
CA MET B 247 -29.81 -10.21 -29.04
C MET B 247 -30.77 -10.49 -27.89
N GLY B 248 -31.39 -9.48 -27.33
CA GLY B 248 -32.19 -9.70 -26.15
C GLY B 248 -32.22 -8.42 -25.34
N HIS B 249 -32.29 -8.50 -24.03
CA HIS B 249 -32.52 -7.27 -23.28
C HIS B 249 -32.00 -7.38 -21.86
N LEU B 250 -32.08 -6.26 -21.17
CA LEU B 250 -31.64 -6.17 -19.78
C LEU B 250 -32.66 -5.34 -19.03
N LYS B 251 -33.35 -5.93 -18.08
CA LYS B 251 -34.32 -5.18 -17.31
C LYS B 251 -33.77 -4.94 -15.93
N TYR B 252 -34.07 -3.78 -15.38
CA TYR B 252 -33.96 -3.53 -13.95
C TYR B 252 -35.36 -3.26 -13.43
N TYR B 253 -35.64 -3.73 -12.24
CA TYR B 253 -36.92 -3.47 -11.59
C TYR B 253 -36.64 -2.74 -10.28
N LEU B 254 -37.43 -1.71 -10.00
CA LEU B 254 -37.34 -1.04 -8.70
C LEU B 254 -38.72 -0.57 -8.33
N ALA B 255 -39.08 -0.71 -7.06
CA ALA B 255 -40.42 -0.50 -6.55
C ALA B 255 -40.68 0.94 -6.11
N PRO B 256 -41.95 1.38 -6.08
CA PRO B 256 -42.25 2.70 -5.50
C PRO B 256 -41.99 2.80 -4.01
N LYS B 257 -42.21 3.97 -3.42
CA LYS B 257 -41.92 4.19 -2.01
C LYS B 257 -43.23 4.50 -1.29
N ILE B 258 -43.55 3.66 -0.29
CA ILE B 258 -44.60 3.88 0.69
C ILE B 258 -45.99 4.12 0.09
N MET C 4 30.87 22.16 -17.43
CA MET C 4 29.66 22.90 -17.74
C MET C 4 28.76 22.13 -18.66
N PHE C 5 27.93 21.24 -18.13
CA PHE C 5 27.09 20.40 -18.98
C PHE C 5 25.97 21.26 -19.54
N GLU C 6 25.66 21.07 -20.83
CA GLU C 6 24.74 21.93 -21.54
C GLU C 6 24.10 21.10 -22.65
N ALA C 7 22.77 21.06 -22.70
CA ALA C 7 22.11 20.10 -23.56
C ALA C 7 20.78 20.62 -24.05
N ARG C 8 20.70 20.86 -25.34
CA ARG C 8 19.53 21.44 -25.96
C ARG C 8 18.80 20.34 -26.71
N LEU C 9 17.56 20.10 -26.34
CA LEU C 9 16.75 19.03 -26.92
C LEU C 9 15.56 19.67 -27.59
N VAL C 10 15.45 19.51 -28.90
CA VAL C 10 14.43 20.24 -29.65
C VAL C 10 13.12 19.49 -29.62
N GLN C 11 13.13 18.24 -29.21
CA GLN C 11 11.89 17.51 -28.94
C GLN C 11 11.78 17.32 -27.44
N GLY C 12 10.96 18.12 -26.81
CA GLY C 12 10.94 18.12 -25.38
C GLY C 12 10.22 16.93 -24.79
N SER C 13 9.32 16.33 -25.56
CA SER C 13 8.50 15.25 -25.01
C SER C 13 9.27 13.95 -24.79
N ILE C 14 10.48 13.82 -25.35
CA ILE C 14 11.30 12.65 -25.08
C ILE C 14 11.73 12.62 -23.62
N LEU C 15 12.19 13.76 -23.10
CA LEU C 15 12.65 13.80 -21.71
C LEU C 15 11.49 13.71 -20.74
N LYS C 16 10.35 14.31 -21.08
CA LYS C 16 9.14 14.14 -20.28
C LYS C 16 8.70 12.68 -20.25
N LYS C 17 8.83 11.97 -21.37
CA LYS C 17 8.37 10.58 -21.41
C LYS C 17 9.32 9.66 -20.64
N VAL C 18 10.62 9.92 -20.73
CA VAL C 18 11.59 9.12 -19.99
C VAL C 18 11.39 9.27 -18.49
N LEU C 19 11.27 10.50 -18.00
CA LEU C 19 11.13 10.65 -16.55
C LEU C 19 9.70 10.51 -16.07
N GLU C 20 8.75 10.27 -16.98
CA GLU C 20 7.48 9.70 -16.55
C GLU C 20 7.57 8.18 -16.46
N ALA C 21 8.47 7.57 -17.23
CA ALA C 21 8.64 6.12 -17.12
C ALA C 21 9.37 5.73 -15.84
N LEU C 22 10.38 6.48 -15.46
CA LEU C 22 11.26 6.04 -14.37
C LEU C 22 10.85 6.49 -12.97
N LYS C 23 9.82 7.30 -12.81
CA LYS C 23 9.54 7.82 -11.48
C LYS C 23 8.68 6.88 -10.63
N ASP C 24 7.98 5.92 -11.25
CA ASP C 24 7.08 5.06 -10.48
C ASP C 24 7.78 3.83 -9.93
N LEU C 25 8.81 3.37 -10.63
CA LEU C 25 9.49 2.13 -10.32
C LEU C 25 10.64 2.39 -9.37
N ILE C 26 11.60 3.19 -9.79
CA ILE C 26 12.58 3.73 -8.88
C ILE C 26 12.09 5.11 -8.47
N ASN C 27 12.68 5.67 -7.41
CA ASN C 27 12.34 7.02 -6.98
C ASN C 27 13.52 7.96 -6.88
N GLU C 28 14.75 7.48 -6.99
CA GLU C 28 15.91 8.35 -7.08
C GLU C 28 16.88 7.76 -8.07
N ALA C 29 17.68 8.60 -8.68
CA ALA C 29 18.63 8.08 -9.66
C ALA C 29 19.95 8.80 -9.53
N CYS C 30 20.98 8.23 -10.14
CA CYS C 30 22.28 8.87 -10.21
C CYS C 30 22.74 8.81 -11.65
N TRP C 31 22.54 9.90 -12.38
CA TRP C 31 22.77 9.95 -13.81
C TRP C 31 24.26 10.14 -14.03
N ASP C 32 24.84 9.37 -14.93
CA ASP C 32 26.18 9.65 -15.36
C ASP C 32 26.10 10.39 -16.68
N ILE C 33 26.60 11.62 -16.69
CA ILE C 33 26.63 12.42 -17.89
C ILE C 33 28.08 12.55 -18.28
N SER C 34 28.47 11.91 -19.36
CA SER C 34 29.81 12.03 -19.89
C SER C 34 29.73 12.45 -21.35
N SER C 35 30.88 12.47 -22.01
CA SER C 35 31.07 13.16 -23.28
C SER C 35 30.37 12.51 -24.46
N SER C 36 29.62 11.42 -24.26
CA SER C 36 28.95 10.72 -25.34
C SER C 36 27.46 10.54 -25.13
N GLY C 37 26.94 10.87 -23.96
CA GLY C 37 25.51 10.77 -23.76
C GLY C 37 25.18 10.79 -22.30
N VAL C 38 23.91 10.52 -22.02
CA VAL C 38 23.40 10.34 -20.67
C VAL C 38 23.17 8.85 -20.44
N ASN C 39 23.72 8.33 -19.34
CA ASN C 39 23.51 6.95 -18.92
C ASN C 39 22.84 6.93 -17.55
N LEU C 40 22.00 5.94 -17.33
CA LEU C 40 21.33 5.73 -16.07
C LEU C 40 21.38 4.25 -15.73
N GLN C 41 21.72 3.92 -14.50
CA GLN C 41 21.78 2.53 -14.04
C GLN C 41 21.17 2.47 -12.65
N SER C 42 20.05 1.80 -12.49
CA SER C 42 19.40 1.88 -11.20
C SER C 42 18.58 0.63 -10.90
N MET C 43 18.85 -0.01 -9.77
CA MET C 43 17.91 -1.00 -9.28
C MET C 43 17.07 -0.36 -8.19
N ASP C 44 15.85 -0.84 -8.03
CA ASP C 44 14.95 -0.17 -7.09
C ASP C 44 15.23 -0.62 -5.67
N SER C 45 14.28 -0.41 -4.76
CA SER C 45 14.52 -0.69 -3.35
C SER C 45 14.58 -2.19 -3.06
N SER C 46 13.63 -2.96 -3.60
CA SER C 46 13.55 -4.39 -3.29
C SER C 46 14.62 -5.23 -3.97
N HIS C 47 15.44 -4.63 -4.83
CA HIS C 47 16.54 -5.29 -5.53
C HIS C 47 16.06 -6.45 -6.39
N VAL C 48 14.92 -6.26 -7.03
CA VAL C 48 14.32 -7.23 -7.92
C VAL C 48 14.60 -6.91 -9.38
N SER C 49 14.29 -5.69 -9.81
CA SER C 49 14.47 -5.22 -11.17
C SER C 49 15.70 -4.35 -11.30
N LEU C 50 16.15 -4.18 -12.52
CA LEU C 50 17.16 -3.19 -12.85
C LEU C 50 16.65 -2.43 -14.05
N VAL C 51 16.97 -1.13 -14.12
CA VAL C 51 16.62 -0.29 -15.26
C VAL C 51 17.90 0.36 -15.76
N GLN C 52 18.17 0.18 -17.05
CA GLN C 52 19.35 0.79 -17.66
C GLN C 52 18.92 1.62 -18.85
N LEU C 53 19.57 2.76 -19.03
CA LEU C 53 19.09 3.77 -19.98
C LEU C 53 20.28 4.45 -20.63
N THR C 54 20.28 4.52 -21.96
CA THR C 54 21.30 5.30 -22.63
C THR C 54 20.65 6.14 -23.70
N LEU C 55 20.89 7.45 -23.64
CA LEU C 55 20.55 8.39 -24.70
C LEU C 55 21.85 9.04 -25.14
N ARG C 56 22.31 8.73 -26.34
CA ARG C 56 23.63 9.17 -26.71
C ARG C 56 23.57 10.56 -27.31
N SER C 57 24.74 11.14 -27.58
CA SER C 57 24.90 12.57 -27.81
C SER C 57 24.67 12.97 -29.26
N GLU C 58 23.78 12.30 -29.96
CA GLU C 58 23.55 12.58 -31.35
C GLU C 58 22.13 12.96 -31.67
N GLY C 59 21.17 12.50 -30.89
CA GLY C 59 19.81 12.96 -31.08
C GLY C 59 19.45 14.21 -30.32
N PHE C 60 20.34 14.66 -29.45
CA PHE C 60 20.25 16.00 -28.91
C PHE C 60 20.47 17.00 -30.03
N ASP C 61 19.63 18.04 -30.05
CA ASP C 61 19.77 19.03 -31.10
C ASP C 61 21.03 19.87 -30.90
N THR C 62 21.51 19.96 -29.66
CA THR C 62 22.89 20.38 -29.39
C THR C 62 23.26 19.72 -28.07
N TYR C 63 24.52 19.35 -27.92
CA TYR C 63 24.99 18.81 -26.66
C TYR C 63 26.42 19.24 -26.51
N ARG C 64 26.81 19.60 -25.30
CA ARG C 64 28.22 19.80 -25.00
C ARG C 64 28.45 19.49 -23.54
N CYS C 65 29.65 18.99 -23.26
CA CYS C 65 30.05 18.65 -21.92
C CYS C 65 31.57 18.58 -21.93
N ASP C 66 32.18 19.09 -20.87
CA ASP C 66 33.63 19.21 -20.83
C ASP C 66 34.29 18.31 -19.81
N ARG C 67 33.59 17.91 -18.76
CA ARG C 67 34.12 16.99 -17.77
C ARG C 67 32.98 16.09 -17.30
N ASN C 68 33.33 14.87 -16.91
CA ASN C 68 32.35 13.87 -16.54
C ASN C 68 31.63 14.27 -15.26
N LEU C 69 30.31 14.25 -15.29
CA LEU C 69 29.53 14.63 -14.13
C LEU C 69 28.68 13.46 -13.66
N ALA C 70 28.51 13.39 -12.35
CA ALA C 70 27.60 12.46 -11.71
C ALA C 70 26.52 13.28 -11.05
N MET C 71 25.27 13.07 -11.41
CA MET C 71 24.18 13.94 -10.98
C MET C 71 23.08 13.12 -10.34
N GLY C 72 23.01 13.13 -9.02
CA GLY C 72 21.92 12.48 -8.33
C GLY C 72 20.69 13.35 -8.43
N VAL C 73 19.54 12.73 -8.66
CA VAL C 73 18.30 13.45 -8.93
C VAL C 73 17.14 12.72 -8.28
N ASN C 74 16.38 13.43 -7.46
CA ASN C 74 15.07 12.91 -7.07
C ASN C 74 14.17 12.92 -8.29
N LEU C 75 13.70 11.76 -8.69
CA LEU C 75 12.91 11.71 -9.90
C LEU C 75 11.49 12.20 -9.71
N THR C 76 10.98 12.30 -8.49
CA THR C 76 9.66 12.92 -8.37
C THR C 76 9.78 14.45 -8.37
N SER C 77 10.91 14.99 -7.89
CA SER C 77 11.14 16.43 -8.02
C SER C 77 11.34 16.83 -9.48
N MET C 78 12.12 16.05 -10.23
CA MET C 78 12.28 16.32 -11.64
C MET C 78 11.03 16.00 -12.44
N SER C 79 10.20 15.06 -12.01
CA SER C 79 8.94 14.90 -12.71
C SER C 79 7.90 15.93 -12.29
N LYS C 80 8.15 16.69 -11.23
CA LYS C 80 7.25 17.81 -10.93
C LYS C 80 7.71 19.08 -11.63
N ILE C 81 9.02 19.25 -11.81
CA ILE C 81 9.52 20.36 -12.59
C ILE C 81 9.16 20.20 -14.07
N LEU C 82 9.40 19.02 -14.64
CA LEU C 82 9.17 18.78 -16.05
C LEU C 82 7.72 18.55 -16.40
N LYS C 83 6.81 18.69 -15.45
CA LYS C 83 5.39 18.73 -15.76
C LYS C 83 4.98 20.10 -16.27
N CYS C 84 5.89 21.07 -16.23
CA CYS C 84 5.60 22.45 -16.58
C CYS C 84 5.82 22.77 -18.06
N ALA C 85 6.72 22.05 -18.73
CA ALA C 85 6.86 22.21 -20.17
C ALA C 85 5.61 21.72 -20.87
N GLY C 86 5.29 22.34 -21.99
CA GLY C 86 4.29 21.78 -22.86
C GLY C 86 4.92 20.69 -23.70
N ASN C 87 4.13 20.19 -24.63
CA ASN C 87 4.60 19.13 -25.52
C ASN C 87 5.51 19.63 -26.63
N GLU C 88 5.99 20.87 -26.57
CA GLU C 88 6.74 21.44 -27.68
C GLU C 88 7.93 22.27 -27.23
N ASP C 89 8.18 22.36 -25.94
CA ASP C 89 9.19 23.28 -25.43
C ASP C 89 10.57 22.77 -25.78
N ILE C 90 11.36 23.59 -26.47
CA ILE C 90 12.78 23.32 -26.60
C ILE C 90 13.38 23.33 -25.20
N ILE C 91 13.87 22.21 -24.76
CA ILE C 91 14.30 22.10 -23.36
C ILE C 91 15.80 22.25 -23.30
N THR C 92 16.28 23.17 -22.49
CA THR C 92 17.72 23.46 -22.44
C THR C 92 18.20 23.16 -21.03
N LEU C 93 18.68 21.96 -20.79
CA LEU C 93 19.17 21.61 -19.46
C LEU C 93 20.59 22.12 -19.37
N ARG C 94 20.84 23.02 -18.44
CA ARG C 94 22.19 23.44 -18.16
C ARG C 94 22.52 23.03 -16.73
N ALA C 95 23.80 22.83 -16.47
CA ALA C 95 24.25 22.59 -15.11
C ALA C 95 25.71 22.92 -15.05
N GLU C 96 26.11 23.71 -14.07
CA GLU C 96 27.53 23.90 -13.85
C GLU C 96 28.10 22.69 -13.14
N ASP C 97 29.42 22.67 -13.01
CA ASP C 97 30.08 21.47 -12.52
C ASP C 97 29.92 21.32 -11.01
N ASN C 98 30.47 22.24 -10.23
CA ASN C 98 30.52 22.11 -8.77
C ASN C 98 29.42 22.88 -8.07
N ALA C 99 28.27 23.06 -8.70
CA ALA C 99 27.14 23.69 -8.06
C ALA C 99 26.03 22.66 -7.90
N ASP C 100 25.28 22.82 -6.82
CA ASP C 100 24.28 21.84 -6.42
C ASP C 100 22.91 22.13 -7.01
N THR C 101 22.83 22.73 -8.20
CA THR C 101 21.55 23.05 -8.82
C THR C 101 21.61 22.79 -10.32
N LEU C 102 20.54 22.18 -10.84
CA LEU C 102 20.39 21.90 -12.26
C LEU C 102 19.39 22.88 -12.83
N ALA C 103 19.83 23.72 -13.77
CA ALA C 103 19.00 24.80 -14.28
C ALA C 103 18.30 24.34 -15.54
N LEU C 104 17.03 24.02 -15.43
CA LEU C 104 16.25 23.74 -16.63
C LEU C 104 15.87 25.07 -17.22
N VAL C 105 15.93 25.20 -18.54
CA VAL C 105 15.47 26.42 -19.20
C VAL C 105 14.52 25.99 -20.30
N PHE C 106 13.25 26.24 -20.15
CA PHE C 106 12.37 25.81 -21.21
C PHE C 106 12.30 26.94 -22.22
N GLU C 107 11.78 26.66 -23.41
CA GLU C 107 11.61 27.70 -24.42
C GLU C 107 10.42 27.33 -25.27
N ALA C 108 9.36 28.08 -25.16
CA ALA C 108 8.18 27.78 -25.95
C ALA C 108 8.38 28.24 -27.39
N PRO C 109 7.65 27.64 -28.36
CA PRO C 109 7.89 28.06 -29.74
C PRO C 109 7.02 29.25 -30.17
N GLU C 112 7.43 34.80 -26.35
CA GLU C 112 8.71 34.35 -25.82
C GLU C 112 8.60 34.03 -24.33
N LYS C 113 8.13 32.82 -24.04
CA LYS C 113 7.74 32.40 -22.71
C LYS C 113 8.87 31.69 -21.97
N VAL C 114 10.05 32.28 -21.93
CA VAL C 114 11.25 31.55 -21.54
C VAL C 114 11.34 31.33 -20.04
N SER C 115 10.76 30.22 -19.57
CA SER C 115 10.83 29.82 -18.17
C SER C 115 12.27 29.51 -17.77
N ASP C 116 12.49 29.41 -16.46
CA ASP C 116 13.83 29.11 -15.99
C ASP C 116 13.70 28.51 -14.60
N TYR C 117 13.76 27.20 -14.51
CA TYR C 117 13.54 26.50 -13.26
C TYR C 117 14.89 26.07 -12.72
N GLU C 118 14.99 25.88 -11.42
CA GLU C 118 16.23 25.42 -10.83
C GLU C 118 15.89 24.30 -9.87
N MET C 119 16.67 23.22 -9.91
CA MET C 119 16.45 22.11 -9.00
C MET C 119 17.67 21.88 -8.13
N LYS C 120 17.42 21.35 -6.93
CA LYS C 120 18.48 20.88 -6.05
C LYS C 120 18.83 19.43 -6.35
N LEU C 121 20.12 19.13 -6.32
CA LEU C 121 20.60 17.77 -6.44
C LEU C 121 20.79 17.17 -5.05
N MET C 122 21.47 16.03 -5.00
CA MET C 122 21.81 15.36 -3.75
C MET C 122 23.08 14.57 -3.98
N ASP C 123 23.54 13.87 -2.93
CA ASP C 123 24.62 12.91 -3.03
C ASP C 123 24.05 11.51 -2.99
N LEU C 124 23.98 10.87 -4.16
CA LEU C 124 23.51 9.49 -4.27
C LEU C 124 24.61 8.62 -4.85
N ASP C 125 24.76 7.43 -4.28
CA ASP C 125 25.75 6.47 -4.76
C ASP C 125 25.01 5.21 -5.19
N VAL C 126 24.56 5.20 -6.44
CA VAL C 126 23.95 4.01 -7.01
C VAL C 126 25.07 3.03 -7.36
N GLU C 127 24.72 1.76 -7.50
CA GLU C 127 25.70 0.69 -7.64
C GLU C 127 26.25 0.67 -9.07
N GLN C 128 27.57 0.55 -9.18
CA GLN C 128 28.27 0.75 -10.46
C GLN C 128 28.54 -0.59 -11.13
N LEU C 129 27.49 -1.36 -11.32
CA LEU C 129 27.61 -2.69 -11.89
C LEU C 129 26.35 -3.02 -12.67
N GLY C 130 26.52 -3.76 -13.76
CA GLY C 130 25.40 -4.22 -14.55
C GLY C 130 25.64 -5.61 -15.10
N ILE C 131 24.62 -6.14 -15.75
CA ILE C 131 24.66 -7.44 -16.41
C ILE C 131 25.75 -7.46 -17.48
N PRO C 132 26.69 -8.39 -17.43
CA PRO C 132 27.74 -8.45 -18.46
C PRO C 132 27.16 -8.94 -19.78
N GLU C 133 27.91 -8.72 -20.85
CA GLU C 133 27.38 -8.94 -22.19
C GLU C 133 27.35 -10.42 -22.52
N GLN C 134 26.15 -10.93 -22.78
CA GLN C 134 25.94 -12.35 -23.02
C GLN C 134 25.06 -12.50 -24.26
N GLU C 135 24.59 -13.72 -24.48
CA GLU C 135 23.81 -14.09 -25.64
C GLU C 135 22.47 -14.64 -25.16
N TYR C 136 21.44 -14.49 -25.99
CA TYR C 136 20.10 -14.79 -25.53
C TYR C 136 19.44 -15.83 -26.42
N SER C 137 18.49 -16.55 -25.84
CA SER C 137 17.86 -17.70 -26.48
C SER C 137 16.59 -17.34 -27.21
N CYS C 138 15.65 -16.64 -26.60
CA CYS C 138 14.43 -16.27 -27.30
C CYS C 138 14.38 -14.76 -27.40
N VAL C 139 14.15 -14.24 -28.61
CA VAL C 139 14.03 -12.80 -28.81
C VAL C 139 12.73 -12.50 -29.54
N VAL C 140 11.69 -12.22 -28.82
CA VAL C 140 10.44 -11.81 -29.44
C VAL C 140 10.50 -10.31 -29.68
N LYS C 141 9.87 -9.84 -30.76
CA LYS C 141 9.72 -8.43 -31.07
C LYS C 141 8.26 -8.22 -31.44
N MET C 142 7.57 -7.35 -30.72
CA MET C 142 6.12 -7.30 -30.79
C MET C 142 5.64 -5.87 -30.63
N PRO C 143 4.38 -5.57 -30.99
CA PRO C 143 3.89 -4.19 -30.83
C PRO C 143 3.71 -3.82 -29.35
N SER C 144 4.28 -2.68 -28.96
CA SER C 144 4.40 -2.35 -27.55
C SER C 144 3.07 -1.99 -26.91
N GLY C 145 2.09 -1.56 -27.70
CA GLY C 145 0.75 -1.43 -27.17
C GLY C 145 0.18 -2.76 -26.75
N GLU C 146 0.49 -3.82 -27.50
CA GLU C 146 0.05 -5.15 -27.11
C GLU C 146 0.81 -5.66 -25.90
N PHE C 147 2.11 -5.34 -25.78
CA PHE C 147 2.87 -5.79 -24.61
C PHE C 147 2.37 -5.13 -23.35
N ALA C 148 2.03 -3.85 -23.42
CA ALA C 148 1.48 -3.15 -22.27
C ALA C 148 0.09 -3.66 -21.92
N ARG C 149 -0.71 -3.97 -22.94
CA ARG C 149 -2.02 -4.58 -22.71
C ARG C 149 -1.89 -5.95 -22.08
N ILE C 150 -0.85 -6.71 -22.44
CA ILE C 150 -0.66 -8.03 -21.85
C ILE C 150 -0.21 -7.93 -20.40
N CYS C 151 0.77 -7.08 -20.11
CA CYS C 151 1.25 -6.98 -18.74
C CYS C 151 0.26 -6.29 -17.82
N ARG C 152 -0.70 -5.57 -18.37
CA ARG C 152 -1.80 -5.01 -17.59
C ARG C 152 -3.04 -5.87 -17.70
N ASP C 153 -2.97 -6.98 -18.42
CA ASP C 153 -4.11 -7.87 -18.55
C ASP C 153 -3.91 -9.21 -17.87
N LEU C 154 -2.80 -9.41 -17.19
CA LEU C 154 -2.66 -10.56 -16.33
C LEU C 154 -2.59 -10.19 -14.86
N SER C 155 -2.33 -8.93 -14.53
CA SER C 155 -2.37 -8.49 -13.14
C SER C 155 -3.78 -8.50 -12.57
N HIS C 156 -4.81 -8.56 -13.41
CA HIS C 156 -6.14 -8.80 -12.90
C HIS C 156 -6.34 -10.25 -12.46
N ILE C 157 -5.40 -11.14 -12.77
CA ILE C 157 -5.47 -12.54 -12.36
C ILE C 157 -4.54 -12.83 -11.20
N GLY C 158 -3.24 -12.74 -11.41
CA GLY C 158 -2.34 -13.08 -10.34
C GLY C 158 -1.10 -12.22 -10.41
N ASP C 159 -0.12 -12.50 -9.57
CA ASP C 159 1.15 -11.77 -9.60
C ASP C 159 2.28 -12.65 -10.07
N ALA C 160 1.95 -13.60 -10.95
CA ALA C 160 2.93 -14.47 -11.58
C ALA C 160 2.54 -14.65 -13.04
N VAL C 161 3.47 -14.34 -13.93
CA VAL C 161 3.28 -14.52 -15.37
C VAL C 161 4.16 -15.69 -15.78
N VAL C 162 3.62 -16.56 -16.63
CA VAL C 162 4.39 -17.64 -17.21
C VAL C 162 4.49 -17.34 -18.70
N ILE C 163 5.69 -16.97 -19.11
CA ILE C 163 6.04 -16.75 -20.51
C ILE C 163 6.65 -18.04 -21.00
N SER C 164 5.91 -18.75 -21.84
CA SER C 164 6.34 -20.01 -22.42
C SER C 164 6.57 -19.76 -23.90
N CYS C 165 7.81 -19.90 -24.34
CA CYS C 165 8.20 -19.51 -25.69
C CYS C 165 8.55 -20.75 -26.50
N ALA C 166 8.02 -20.79 -27.72
CA ALA C 166 8.16 -21.92 -28.64
C ALA C 166 8.27 -21.33 -30.06
N LYS C 167 8.15 -22.20 -31.07
CA LYS C 167 8.43 -21.80 -32.45
C LYS C 167 7.25 -21.13 -33.14
N ASP C 168 6.04 -21.66 -32.97
CA ASP C 168 4.89 -21.08 -33.65
C ASP C 168 4.49 -19.76 -33.02
N GLY C 169 4.78 -19.60 -31.73
CA GLY C 169 4.39 -18.41 -31.00
C GLY C 169 4.94 -18.37 -29.59
N VAL C 170 4.24 -17.61 -28.75
CA VAL C 170 4.63 -17.45 -27.35
C VAL C 170 3.36 -17.25 -26.52
N LYS C 171 3.36 -17.80 -25.31
CA LYS C 171 2.14 -17.83 -24.52
C LYS C 171 2.37 -17.24 -23.14
N PHE C 172 1.44 -16.42 -22.70
CA PHE C 172 1.45 -15.80 -21.39
C PHE C 172 0.31 -16.38 -20.59
N SER C 173 0.61 -16.94 -19.43
CA SER C 173 -0.40 -17.53 -18.58
C SER C 173 -0.23 -17.06 -17.15
N ALA C 174 -1.35 -16.85 -16.47
CA ALA C 174 -1.30 -16.44 -15.07
C ALA C 174 -2.38 -17.17 -14.31
N SER C 175 -2.06 -17.54 -13.07
CA SER C 175 -2.97 -18.34 -12.27
C SER C 175 -3.07 -17.69 -10.89
N GLY C 176 -4.25 -17.20 -10.55
CA GLY C 176 -4.46 -16.59 -9.25
C GLY C 176 -5.76 -17.04 -8.63
N GLU C 177 -6.15 -16.39 -7.53
CA GLU C 177 -7.23 -16.89 -6.69
C GLU C 177 -8.62 -16.78 -7.34
N LEU C 178 -8.73 -16.13 -8.48
CA LEU C 178 -9.98 -16.04 -9.21
C LEU C 178 -9.98 -16.90 -10.47
N GLY C 179 -8.90 -17.61 -10.75
CA GLY C 179 -8.86 -18.48 -11.91
C GLY C 179 -7.54 -18.45 -12.63
N ASN C 180 -7.55 -18.63 -13.95
CA ASN C 180 -6.31 -18.57 -14.71
C ASN C 180 -6.58 -18.07 -16.12
N GLY C 181 -5.50 -17.76 -16.83
CA GLY C 181 -5.62 -17.18 -18.15
C GLY C 181 -4.42 -17.44 -19.02
N ASN C 182 -4.69 -17.47 -20.32
CA ASN C 182 -3.74 -17.92 -21.33
C ASN C 182 -3.93 -17.05 -22.55
N ILE C 183 -2.96 -16.19 -22.85
CA ILE C 183 -2.95 -15.40 -24.07
C ILE C 183 -1.87 -15.96 -24.98
N LYS C 184 -2.22 -16.27 -26.21
CA LYS C 184 -1.30 -16.91 -27.14
C LYS C 184 -1.05 -15.99 -28.32
N LEU C 185 0.22 -15.69 -28.58
CA LEU C 185 0.64 -14.93 -29.74
C LEU C 185 1.13 -15.88 -30.82
N SER C 186 0.47 -15.83 -31.98
CA SER C 186 0.80 -16.62 -33.16
C SER C 186 1.44 -15.73 -34.20
N GLN C 187 2.52 -16.23 -34.83
CA GLN C 187 3.45 -15.40 -35.58
C GLN C 187 2.80 -14.86 -36.85
N THR C 188 3.41 -13.83 -37.43
CA THR C 188 2.80 -12.96 -38.41
C THR C 188 2.77 -13.58 -39.81
N SER C 189 2.29 -12.78 -40.76
CA SER C 189 2.16 -13.19 -42.15
C SER C 189 3.27 -12.57 -42.99
N GLU C 194 3.01 -2.22 -40.90
CA GLU C 194 4.34 -2.77 -41.01
C GLU C 194 4.99 -2.88 -39.64
N GLU C 195 4.36 -2.25 -38.65
CA GLU C 195 4.78 -2.32 -37.25
C GLU C 195 3.68 -2.92 -36.40
N GLU C 196 3.03 -3.95 -36.93
CA GLU C 196 2.31 -4.93 -36.13
C GLU C 196 3.00 -6.28 -36.26
N ALA C 197 4.31 -6.24 -36.47
CA ALA C 197 5.11 -7.38 -36.88
C ALA C 197 5.64 -8.13 -35.67
N VAL C 198 5.40 -9.44 -35.67
CA VAL C 198 5.79 -10.34 -34.58
C VAL C 198 6.87 -11.27 -35.11
N THR C 199 8.13 -11.02 -34.74
CA THR C 199 9.22 -11.86 -35.20
C THR C 199 9.85 -12.57 -33.99
N ILE C 200 9.93 -13.89 -34.07
CA ILE C 200 10.39 -14.74 -32.97
C ILE C 200 11.67 -15.42 -33.41
N GLU C 201 12.81 -14.98 -32.88
CA GLU C 201 14.09 -15.62 -33.20
C GLU C 201 14.36 -16.76 -32.22
N MET C 202 13.48 -17.76 -32.28
CA MET C 202 13.47 -18.85 -31.30
C MET C 202 14.65 -19.77 -31.52
N ASN C 203 15.26 -20.22 -30.42
CA ASN C 203 16.27 -21.26 -30.47
C ASN C 203 15.89 -22.51 -29.71
N GLU C 204 15.48 -22.37 -28.45
CA GLU C 204 15.22 -23.43 -27.50
C GLU C 204 13.93 -23.00 -26.83
N PRO C 205 12.95 -23.86 -26.70
CA PRO C 205 11.66 -23.43 -26.14
C PRO C 205 11.73 -23.32 -24.62
N VAL C 206 11.53 -22.10 -24.11
CA VAL C 206 11.87 -21.76 -22.73
C VAL C 206 10.61 -21.30 -22.00
N GLN C 207 10.38 -21.81 -20.80
CA GLN C 207 9.21 -21.46 -20.00
C GLN C 207 9.66 -20.89 -18.65
N LEU C 208 9.27 -19.63 -18.38
CA LEU C 208 9.67 -18.94 -17.16
C LEU C 208 8.48 -18.22 -16.53
N THR C 209 8.70 -17.73 -15.31
CA THR C 209 7.67 -17.13 -14.47
C THR C 209 8.22 -15.90 -13.77
N PHE C 210 7.48 -14.78 -13.84
CA PHE C 210 7.92 -13.51 -13.28
C PHE C 210 6.83 -12.83 -12.47
N ALA C 211 7.23 -11.71 -11.86
CA ALA C 211 6.36 -10.90 -11.01
C ALA C 211 5.75 -9.75 -11.81
N LEU C 212 4.43 -9.67 -11.79
CA LEU C 212 3.72 -8.67 -12.57
C LEU C 212 3.78 -7.27 -11.95
N ARG C 213 4.15 -7.17 -10.69
CA ARG C 213 4.25 -5.87 -10.04
C ARG C 213 5.49 -5.10 -10.51
N TYR C 214 6.29 -5.69 -11.38
CA TYR C 214 7.33 -4.95 -12.07
C TYR C 214 7.08 -4.88 -13.55
N LEU C 215 6.33 -5.83 -14.09
CA LEU C 215 5.98 -5.76 -15.49
C LEU C 215 4.94 -4.67 -15.75
N ASN C 216 4.15 -4.31 -14.75
CA ASN C 216 3.27 -3.17 -14.94
C ASN C 216 4.01 -1.85 -14.84
N PHE C 217 5.09 -1.80 -14.07
CA PHE C 217 5.87 -0.58 -14.04
C PHE C 217 6.81 -0.48 -15.23
N PHE C 218 7.09 -1.60 -15.89
CA PHE C 218 7.90 -1.54 -17.10
C PHE C 218 7.13 -0.89 -18.23
N THR C 219 5.83 -1.14 -18.30
CA THR C 219 5.04 -0.66 -19.42
C THR C 219 4.60 0.79 -19.27
N LYS C 220 5.36 1.61 -18.56
CA LYS C 220 5.12 3.04 -18.51
C LYS C 220 6.10 3.80 -19.38
N ALA C 221 6.85 3.11 -20.22
CA ALA C 221 7.55 3.74 -21.31
C ALA C 221 6.91 3.42 -22.64
N THR C 222 5.59 3.21 -22.63
CA THR C 222 4.85 2.80 -23.83
C THR C 222 4.89 3.82 -24.97
N PRO C 223 4.70 5.15 -24.77
CA PRO C 223 4.84 6.02 -25.94
C PRO C 223 6.27 6.38 -26.31
N LEU C 224 7.27 5.71 -25.74
CA LEU C 224 8.63 5.89 -26.20
C LEU C 224 8.98 5.09 -27.46
N SER C 225 8.14 4.14 -27.87
CA SER C 225 8.31 3.36 -29.09
C SER C 225 6.97 2.75 -29.45
N SER C 226 6.99 1.90 -30.47
CA SER C 226 5.87 1.01 -30.72
C SER C 226 6.33 -0.43 -30.92
N THR C 227 7.64 -0.71 -30.84
CA THR C 227 8.22 -2.04 -30.98
C THR C 227 9.04 -2.35 -29.75
N VAL C 228 8.76 -3.49 -29.12
CA VAL C 228 9.44 -3.90 -27.89
C VAL C 228 10.05 -5.29 -28.09
N THR C 229 11.29 -5.47 -27.60
CA THR C 229 11.98 -6.75 -27.72
C THR C 229 12.10 -7.42 -26.35
N LEU C 230 11.49 -8.59 -26.23
CA LEU C 230 11.57 -9.37 -25.01
C LEU C 230 12.64 -10.40 -25.32
N SER C 231 13.67 -10.44 -24.49
CA SER C 231 14.80 -11.33 -24.72
C SER C 231 15.02 -12.19 -23.48
N MET C 232 14.86 -13.49 -23.64
CA MET C 232 14.89 -14.46 -22.56
C MET C 232 15.97 -15.51 -22.82
N SER C 233 16.31 -16.21 -21.74
CA SER C 233 17.20 -17.36 -21.75
C SER C 233 16.77 -18.27 -20.60
N ALA C 234 17.67 -19.14 -20.15
CA ALA C 234 17.42 -19.99 -18.99
C ALA C 234 18.41 -19.64 -17.87
N ASP C 235 17.89 -19.49 -16.64
CA ASP C 235 18.61 -18.99 -15.47
C ASP C 235 19.24 -17.62 -15.72
N VAL C 236 18.44 -16.71 -16.29
CA VAL C 236 18.88 -15.39 -16.73
C VAL C 236 17.68 -14.47 -16.78
N PRO C 237 17.84 -13.20 -16.33
CA PRO C 237 16.68 -12.30 -16.20
C PRO C 237 16.03 -11.99 -17.54
N LEU C 238 14.71 -11.81 -17.51
CA LEU C 238 13.98 -11.33 -18.68
C LEU C 238 14.44 -9.94 -19.02
N VAL C 239 14.59 -9.64 -20.30
CA VAL C 239 14.90 -8.30 -20.77
C VAL C 239 13.70 -7.78 -21.53
N VAL C 240 13.21 -6.61 -21.16
CA VAL C 240 12.26 -5.88 -21.98
C VAL C 240 12.97 -4.64 -22.49
N GLU C 241 12.97 -4.42 -23.80
CA GLU C 241 13.70 -3.27 -24.34
C GLU C 241 12.80 -2.43 -25.23
N TYR C 242 12.77 -1.12 -24.94
CA TYR C 242 12.19 -0.08 -25.77
C TYR C 242 13.29 0.75 -26.40
N LYS C 243 13.08 1.18 -27.64
CA LYS C 243 14.05 1.98 -28.37
C LYS C 243 13.49 3.37 -28.60
N ILE C 244 14.14 4.38 -28.03
CA ILE C 244 13.77 5.77 -28.25
C ILE C 244 14.41 6.19 -29.56
N ALA C 245 13.58 6.56 -30.53
CA ALA C 245 13.96 6.58 -31.93
C ALA C 245 15.02 7.65 -32.19
N ASP C 246 16.13 7.21 -32.79
CA ASP C 246 17.36 7.93 -33.13
C ASP C 246 18.16 8.30 -31.87
N MET C 247 17.61 8.07 -30.68
CA MET C 247 18.18 8.54 -29.43
C MET C 247 18.99 7.44 -28.74
N GLY C 248 18.34 6.34 -28.42
CA GLY C 248 18.96 5.32 -27.61
C GLY C 248 17.93 4.31 -27.16
N HIS C 249 18.14 3.75 -25.97
CA HIS C 249 17.31 2.66 -25.50
C HIS C 249 17.03 2.76 -24.03
N LEU C 250 15.95 2.09 -23.64
CA LEU C 250 15.54 1.93 -22.25
C LEU C 250 15.25 0.44 -22.02
N LYS C 251 16.11 -0.22 -21.23
CA LYS C 251 16.02 -1.65 -20.96
C LYS C 251 15.61 -1.91 -19.52
N TYR C 252 14.83 -2.97 -19.33
CA TYR C 252 14.32 -3.38 -18.03
C TYR C 252 14.66 -4.84 -17.81
N TYR C 253 15.50 -5.15 -16.83
CA TYR C 253 15.77 -6.53 -16.48
C TYR C 253 14.94 -6.93 -15.27
N LEU C 254 14.33 -8.11 -15.32
CA LEU C 254 13.51 -8.61 -14.22
C LEU C 254 13.89 -10.05 -13.89
N ALA C 255 13.99 -10.37 -12.57
CA ALA C 255 14.38 -11.67 -12.01
C ALA C 255 13.17 -12.60 -11.92
N PRO C 256 13.36 -13.91 -12.10
CA PRO C 256 12.23 -14.82 -12.13
C PRO C 256 11.98 -15.51 -10.80
N LYS C 257 10.85 -16.19 -10.74
CA LYS C 257 10.47 -16.84 -9.48
C LYS C 257 11.13 -18.21 -9.36
N ILE C 258 10.76 -18.91 -8.29
CA ILE C 258 11.28 -20.22 -7.87
C ILE C 258 12.81 -20.23 -7.76
N LYS D 45 32.39 -0.95 39.45
CA LYS D 45 32.93 0.08 40.32
C LYS D 45 32.56 1.47 39.83
N GLY D 46 33.41 2.02 38.98
CA GLY D 46 33.13 3.29 38.31
C GLY D 46 33.47 3.18 36.84
N SER D 47 33.20 2.03 36.25
CA SER D 47 33.55 1.73 34.88
C SER D 47 32.48 2.26 33.92
N ARG D 48 32.78 2.15 32.63
CA ARG D 48 31.78 2.45 31.61
C ARG D 48 30.62 1.48 31.70
N PHE D 49 30.91 0.21 31.99
CA PHE D 49 29.88 -0.77 32.27
C PHE D 49 29.08 -0.38 33.49
N TYR D 50 29.75 0.17 34.51
CA TYR D 50 29.05 0.69 35.66
C TYR D 50 28.19 1.89 35.29
N GLY D 51 28.64 2.69 34.33
CA GLY D 51 27.84 3.82 33.89
C GLY D 51 26.57 3.40 33.16
N ASN D 52 26.68 2.41 32.30
CA ASN D 52 25.47 2.00 31.59
C ASN D 52 24.51 1.21 32.47
N GLU D 53 25.02 0.40 33.40
CA GLU D 53 24.09 -0.20 34.34
C GLU D 53 23.58 0.82 35.34
N LEU D 54 24.28 1.93 35.54
CA LEU D 54 23.74 3.01 36.35
C LEU D 54 22.56 3.66 35.65
N LYS D 55 22.68 3.89 34.35
CA LYS D 55 21.56 4.43 33.59
C LYS D 55 20.40 3.45 33.56
N LYS D 56 20.71 2.16 33.44
CA LYS D 56 19.66 1.14 33.48
C LYS D 56 19.04 1.02 34.86
N GLU D 57 19.84 1.27 35.91
CA GLU D 57 19.33 1.31 37.27
C GLU D 57 18.39 2.48 37.47
N LYS D 58 18.74 3.63 36.91
CA LYS D 58 17.84 4.78 36.90
C LYS D 58 16.55 4.47 36.18
N GLN D 59 16.63 3.78 35.04
CA GLN D 59 15.42 3.47 34.28
C GLN D 59 14.53 2.46 34.99
N VAL D 60 15.13 1.45 35.63
CA VAL D 60 14.29 0.46 36.30
C VAL D 60 13.72 1.05 37.58
N ASN D 61 14.44 1.97 38.23
CA ASN D 61 13.88 2.66 39.39
C ASN D 61 12.78 3.62 38.97
N GLN D 62 12.91 4.23 37.79
CA GLN D 62 11.85 5.07 37.26
C GLN D 62 10.61 4.25 36.95
N ARG D 63 10.79 3.04 36.44
CA ARG D 63 9.64 2.18 36.24
C ARG D 63 9.10 1.63 37.56
N ILE D 64 9.93 1.53 38.59
CA ILE D 64 9.46 1.17 39.93
C ILE D 64 8.52 2.24 40.45
N GLU D 65 8.94 3.51 40.33
CA GLU D 65 8.09 4.61 40.79
C GLU D 65 6.85 4.80 39.93
N ASN D 66 6.96 4.58 38.61
CA ASN D 66 5.81 4.59 37.73
C ASN D 66 4.85 3.43 38.00
N MET D 67 5.32 2.33 38.58
CA MET D 67 4.42 1.29 39.03
C MET D 67 3.79 1.62 40.38
N MET D 68 4.57 2.22 41.28
CA MET D 68 4.05 2.56 42.59
C MET D 68 3.04 3.69 42.54
N GLN D 69 3.15 4.57 41.54
CA GLN D 69 2.15 5.61 41.36
C GLN D 69 0.85 5.07 40.79
N GLN D 70 0.90 3.96 40.06
CA GLN D 70 -0.30 3.30 39.59
C GLN D 70 -0.81 2.26 40.58
N LYS D 71 -0.01 1.93 41.58
CA LYS D 71 -0.37 1.01 42.64
C LYS D 71 -1.19 1.71 43.72
N ALA D 72 -0.86 2.97 44.02
CA ALA D 72 -1.60 3.72 45.02
C ALA D 72 -3.00 4.13 44.56
N GLN D 73 -3.23 4.27 43.26
CA GLN D 73 -4.50 4.77 42.74
C GLN D 73 -5.54 3.66 42.56
N ILE D 74 -5.32 2.49 43.14
CA ILE D 74 -6.36 1.47 43.18
C ILE D 74 -6.87 1.39 44.62
N THR D 75 -8.07 0.85 44.77
CA THR D 75 -8.76 0.82 46.04
C THR D 75 -9.06 -0.62 46.45
N SER D 76 -9.81 -0.76 47.54
CA SER D 76 -10.41 -2.04 47.92
C SER D 76 -11.60 -2.41 47.04
N GLN D 77 -12.12 -1.47 46.25
CA GLN D 77 -13.15 -1.76 45.26
C GLN D 77 -12.57 -2.18 43.92
N GLN D 78 -11.33 -1.77 43.61
CA GLN D 78 -10.64 -2.24 42.42
C GLN D 78 -9.99 -3.60 42.60
N LEU D 79 -9.99 -4.14 43.81
CA LEU D 79 -9.52 -5.49 44.08
C LEU D 79 -10.65 -6.52 44.06
N ARG D 80 -11.77 -6.23 43.40
CA ARG D 80 -12.93 -7.11 43.43
C ARG D 80 -13.17 -7.81 42.10
N LYS D 81 -13.40 -7.05 41.03
CA LYS D 81 -13.80 -7.64 39.76
C LYS D 81 -12.63 -8.36 39.08
N ALA D 82 -11.44 -7.77 39.13
CA ALA D 82 -10.25 -8.43 38.62
C ALA D 82 -9.88 -9.68 39.40
N GLN D 83 -10.00 -9.65 40.73
CA GLN D 83 -9.72 -10.84 41.55
C GLN D 83 -10.72 -11.95 41.25
N LEU D 84 -12.00 -11.61 41.14
CA LEU D 84 -13.02 -12.60 40.80
C LEU D 84 -12.83 -13.17 39.41
N GLN D 85 -12.41 -12.34 38.44
CA GLN D 85 -12.16 -12.81 37.08
C GLN D 85 -10.96 -13.74 37.01
N VAL D 86 -9.85 -13.35 37.66
CA VAL D 86 -8.65 -14.19 37.59
C VAL D 86 -8.81 -15.46 38.43
N ASP D 87 -9.64 -15.46 39.46
CA ASP D 87 -9.87 -16.71 40.17
C ASP D 87 -10.98 -17.56 39.54
N ARG D 88 -11.87 -16.97 38.75
CA ARG D 88 -12.73 -17.77 37.89
C ARG D 88 -11.94 -18.46 36.79
N PHE D 89 -11.03 -17.75 36.15
CA PHE D 89 -10.11 -18.38 35.21
C PHE D 89 -9.15 -19.36 35.89
N ALA D 90 -8.77 -19.11 37.15
CA ALA D 90 -8.00 -20.10 37.89
C ALA D 90 -8.82 -21.32 38.27
N MET D 91 -10.14 -21.17 38.42
CA MET D 91 -11.00 -22.34 38.56
C MET D 91 -11.07 -23.13 37.26
N GLU D 92 -11.12 -22.43 36.13
CA GLU D 92 -11.05 -23.08 34.82
C GLU D 92 -9.69 -23.71 34.54
N LEU D 93 -8.64 -23.21 35.19
CA LEU D 93 -7.29 -23.74 35.07
C LEU D 93 -7.09 -24.98 35.93
N GLU D 94 -7.44 -24.88 37.22
CA GLU D 94 -7.10 -25.89 38.21
C GLU D 94 -8.06 -27.06 38.22
N GLN D 95 -9.27 -26.92 37.67
CA GLN D 95 -10.18 -28.06 37.61
C GLN D 95 -9.71 -29.09 36.61
N SER D 96 -9.17 -28.65 35.47
CA SER D 96 -8.61 -29.57 34.49
C SER D 96 -7.10 -29.63 34.64
N ARG D 97 -6.60 -29.59 35.87
CA ARG D 97 -5.17 -29.72 36.13
C ARG D 97 -4.80 -31.18 35.94
N ASN D 98 -4.49 -31.55 34.70
CA ASN D 98 -4.22 -32.94 34.36
C ASN D 98 -2.72 -33.20 34.50
N LEU D 99 -2.37 -34.18 35.34
CA LEU D 99 -0.97 -34.51 35.55
C LEU D 99 -0.76 -36.02 35.62
N SER D 100 -1.39 -36.77 34.71
CA SER D 100 -1.18 -38.21 34.67
C SER D 100 0.19 -38.58 34.13
N ASN D 101 0.86 -37.66 33.45
CA ASN D 101 2.17 -37.90 32.89
C ASN D 101 3.26 -37.69 33.94
N THR D 102 4.47 -38.07 33.58
CA THR D 102 5.64 -37.92 34.43
C THR D 102 6.76 -37.35 33.57
N ILE D 103 6.99 -36.05 33.70
CA ILE D 103 8.00 -35.39 32.90
C ILE D 103 9.31 -35.36 33.69
N VAL D 104 10.40 -35.75 33.05
CA VAL D 104 11.72 -35.78 33.67
C VAL D 104 12.56 -34.71 33.01
N HIS D 105 13.20 -33.89 33.81
CA HIS D 105 14.26 -33.03 33.32
C HIS D 105 15.58 -33.65 33.72
N ILE D 106 16.57 -33.56 32.85
CA ILE D 106 17.89 -34.08 33.16
C ILE D 106 18.87 -32.98 32.79
N ASP D 107 19.40 -32.31 33.80
CA ASP D 107 20.46 -31.34 33.58
C ASP D 107 21.79 -32.09 33.53
N MET D 108 22.89 -31.39 33.71
CA MET D 108 24.15 -32.04 33.99
C MET D 108 24.73 -31.41 35.25
N ASP D 109 26.02 -31.66 35.47
CA ASP D 109 26.72 -31.05 36.60
C ASP D 109 27.93 -30.33 36.02
N ALA D 110 27.80 -29.02 35.80
CA ALA D 110 28.82 -28.15 35.23
C ALA D 110 29.27 -28.68 33.87
N PHE D 111 28.31 -28.66 32.94
CA PHE D 111 28.37 -29.37 31.66
C PHE D 111 29.62 -29.01 30.87
N TYR D 112 29.85 -27.72 30.65
CA TYR D 112 31.01 -27.29 29.89
C TYR D 112 32.30 -27.54 30.65
N ALA D 113 32.23 -27.69 31.97
CA ALA D 113 33.41 -28.08 32.72
C ALA D 113 33.52 -29.60 32.82
N ALA D 114 32.39 -30.29 32.96
CA ALA D 114 32.41 -31.74 33.18
C ALA D 114 32.84 -32.50 31.93
N VAL D 115 32.39 -32.08 30.75
CA VAL D 115 32.85 -32.71 29.53
C VAL D 115 34.32 -32.44 29.28
N GLU D 116 34.86 -31.34 29.78
CA GLU D 116 36.32 -31.22 29.83
C GLU D 116 36.90 -32.19 30.86
N MET D 117 36.21 -32.42 31.97
CA MET D 117 36.77 -33.31 32.98
C MET D 117 36.72 -34.78 32.61
N ARG D 118 35.81 -35.18 31.73
CA ARG D 118 35.89 -36.54 31.18
C ARG D 118 37.00 -36.65 30.14
N ASP D 119 37.54 -35.51 29.67
CA ASP D 119 38.65 -35.49 28.73
C ASP D 119 39.87 -34.80 29.31
N ASN D 120 39.92 -34.60 30.62
CA ASN D 120 41.12 -34.12 31.31
C ASN D 120 41.23 -34.86 32.64
N PRO D 121 41.94 -35.98 32.68
CA PRO D 121 42.05 -36.76 33.91
C PRO D 121 43.09 -36.26 34.90
N GLU D 122 43.76 -35.14 34.62
CA GLU D 122 44.86 -34.73 35.48
C GLU D 122 44.35 -34.10 36.78
N LEU D 123 43.35 -33.24 36.69
CA LEU D 123 43.00 -32.32 37.76
C LEU D 123 41.55 -32.48 38.16
N LYS D 124 41.12 -33.73 38.36
CA LYS D 124 39.75 -34.03 38.73
C LYS D 124 39.37 -33.48 40.10
N ASP D 125 40.33 -33.26 41.00
CA ASP D 125 40.09 -32.67 42.29
C ASP D 125 40.46 -31.19 42.33
N LYS D 126 40.24 -30.48 41.24
CA LYS D 126 40.61 -29.08 41.10
C LYS D 126 39.42 -28.28 40.58
N PRO D 127 39.38 -26.97 40.85
CA PRO D 127 38.32 -26.14 40.25
C PRO D 127 38.72 -25.64 38.87
N ILE D 128 37.87 -25.93 37.88
CA ILE D 128 38.14 -25.62 36.49
C ILE D 128 37.27 -24.45 36.04
N ALA D 129 37.78 -23.70 35.06
CA ALA D 129 37.08 -22.53 34.56
C ALA D 129 37.25 -22.45 33.05
N VAL D 130 36.15 -22.48 32.34
CA VAL D 130 36.16 -22.32 30.89
C VAL D 130 35.87 -20.87 30.57
N GLY D 131 36.12 -20.47 29.33
CA GLY D 131 36.05 -19.08 28.92
C GLY D 131 37.43 -18.47 28.82
N SER D 132 37.48 -17.16 28.92
CA SER D 132 38.76 -16.45 28.94
C SER D 132 38.58 -15.20 29.81
N MET D 133 39.50 -14.25 29.68
CA MET D 133 39.54 -13.10 30.57
C MET D 133 38.47 -12.04 30.25
N SER D 134 37.42 -12.38 29.53
CA SER D 134 36.29 -11.48 29.33
C SER D 134 34.98 -12.03 29.88
N MET D 135 34.75 -13.33 29.78
CA MET D 135 33.49 -13.91 30.21
C MET D 135 33.68 -15.41 30.45
N LEU D 136 32.92 -15.93 31.41
CA LEU D 136 32.91 -17.34 31.76
C LEU D 136 31.61 -17.98 31.31
N SER D 137 31.73 -19.17 30.73
CA SER D 137 30.54 -19.90 30.30
C SER D 137 29.86 -20.58 31.48
N THR D 138 30.58 -21.47 32.17
CA THR D 138 30.17 -22.06 33.45
C THR D 138 31.41 -22.67 34.10
N SER D 139 31.54 -22.48 35.41
CA SER D 139 32.60 -23.10 36.19
C SER D 139 32.02 -24.19 37.10
N ASN D 140 32.93 -25.01 37.62
CA ASN D 140 32.57 -26.26 38.28
C ASN D 140 32.18 -26.04 39.74
N TYR D 141 31.79 -27.13 40.40
CA TYR D 141 31.27 -27.09 41.76
C TYR D 141 32.34 -26.97 42.84
N HIS D 142 33.60 -27.20 42.48
CA HIS D 142 34.68 -26.84 43.40
C HIS D 142 34.97 -25.35 43.39
N ALA D 143 34.24 -24.57 42.60
CA ALA D 143 34.44 -23.13 42.54
C ALA D 143 33.14 -22.33 42.64
N ARG D 144 32.00 -22.99 42.60
CA ARG D 144 30.72 -22.29 42.73
C ARG D 144 30.56 -21.68 44.12
N ARG D 145 30.99 -22.40 45.15
CA ARG D 145 30.88 -21.91 46.51
C ARG D 145 31.77 -20.70 46.72
N PHE D 146 32.93 -20.68 46.08
CA PHE D 146 33.85 -19.55 46.20
C PHE D 146 33.40 -18.33 45.43
N GLY D 147 32.39 -18.45 44.57
CA GLY D 147 31.84 -17.33 43.83
C GLY D 147 32.05 -17.38 42.33
N VAL D 148 32.83 -18.32 41.82
CA VAL D 148 33.18 -18.37 40.41
C VAL D 148 32.00 -18.90 39.62
N ARG D 149 31.12 -18.01 39.18
CA ARG D 149 29.85 -18.40 38.59
C ARG D 149 29.80 -18.06 37.10
N ALA D 150 28.62 -18.22 36.52
CA ALA D 150 28.33 -17.82 35.16
C ALA D 150 27.98 -16.33 35.12
N ALA D 151 27.99 -15.78 33.91
CA ALA D 151 27.68 -14.36 33.63
C ALA D 151 28.54 -13.41 34.45
N MET D 152 29.80 -13.79 34.62
CA MET D 152 30.74 -13.10 35.46
C MET D 152 32.01 -12.97 34.63
N PRO D 153 32.67 -11.83 34.68
CA PRO D 153 33.87 -11.64 33.87
C PRO D 153 35.04 -12.53 34.25
N GLY D 154 36.05 -12.55 33.38
CA GLY D 154 37.26 -13.30 33.63
C GLY D 154 38.25 -12.57 34.50
N PHE D 155 37.90 -11.34 34.91
CA PHE D 155 38.74 -10.58 35.83
C PHE D 155 38.09 -10.42 37.20
N ILE D 156 36.76 -10.51 37.29
CA ILE D 156 36.10 -10.43 38.58
C ILE D 156 36.39 -11.69 39.39
N ALA D 157 36.15 -12.86 38.80
CA ALA D 157 36.32 -14.11 39.54
C ALA D 157 37.78 -14.46 39.75
N LYS D 158 38.66 -14.08 38.82
CA LYS D 158 40.06 -14.48 38.90
C LYS D 158 40.83 -13.76 39.98
N ARG D 159 40.37 -12.57 40.41
CA ARG D 159 40.96 -11.90 41.56
C ARG D 159 40.48 -12.48 42.89
N LEU D 160 39.46 -13.35 42.86
CA LEU D 160 38.97 -14.02 44.05
C LEU D 160 39.72 -15.32 44.33
N CYS D 161 40.18 -16.00 43.30
CA CYS D 161 40.95 -17.22 43.46
C CYS D 161 42.30 -17.08 42.77
N PRO D 162 43.40 -16.88 43.52
CA PRO D 162 44.71 -16.76 42.86
C PRO D 162 45.23 -18.07 42.32
N GLN D 163 44.76 -19.20 42.85
CA GLN D 163 45.12 -20.53 42.39
C GLN D 163 43.95 -21.05 41.55
N LEU D 164 43.99 -20.77 40.26
CA LEU D 164 42.96 -21.23 39.34
C LEU D 164 43.57 -21.36 37.95
N ILE D 165 42.85 -22.06 37.08
CA ILE D 165 43.19 -22.17 35.66
C ILE D 165 41.96 -21.78 34.85
N ILE D 166 42.17 -20.99 33.81
CA ILE D 166 41.11 -20.52 32.92
C ILE D 166 41.48 -20.86 31.48
N VAL D 167 40.79 -21.84 30.91
CA VAL D 167 41.15 -22.40 29.60
C VAL D 167 39.95 -22.30 28.67
N PRO D 168 40.17 -21.74 27.48
CA PRO D 168 39.07 -21.58 26.50
C PRO D 168 38.55 -22.92 26.02
N PRO D 169 37.27 -23.01 25.67
CA PRO D 169 36.63 -24.31 25.49
C PRO D 169 36.98 -24.94 24.14
N ASN D 170 36.33 -26.07 23.87
CA ASN D 170 36.42 -26.75 22.58
C ASN D 170 34.99 -27.11 22.19
N PHE D 171 34.38 -26.24 21.39
CA PHE D 171 32.95 -26.30 21.16
C PHE D 171 32.53 -27.43 20.23
N ASP D 172 33.48 -28.20 19.70
CA ASP D 172 33.13 -29.31 18.81
C ASP D 172 32.89 -30.59 19.57
N LYS D 173 33.51 -30.74 20.75
CA LYS D 173 33.40 -31.98 21.52
C LYS D 173 32.02 -32.13 22.13
N TYR D 174 31.47 -31.03 22.66
CA TYR D 174 30.19 -31.05 23.35
C TYR D 174 29.05 -31.42 22.42
N ARG D 175 29.17 -31.13 21.13
CA ARG D 175 28.12 -31.51 20.19
C ARG D 175 28.07 -33.01 19.96
N ALA D 176 29.16 -33.72 20.27
CA ALA D 176 29.18 -35.18 20.17
C ALA D 176 28.77 -35.83 21.48
N VAL D 177 29.25 -35.27 22.61
CA VAL D 177 28.88 -35.82 23.91
C VAL D 177 27.43 -35.50 24.26
N SER D 178 26.82 -34.53 23.58
CA SER D 178 25.38 -34.38 23.67
C SER D 178 24.68 -35.53 22.98
N LYS D 179 25.09 -35.87 21.76
CA LYS D 179 24.42 -36.90 20.98
C LYS D 179 24.61 -38.29 21.57
N GLU D 180 25.74 -38.51 22.25
CA GLU D 180 25.95 -39.78 22.94
C GLU D 180 24.95 -39.98 24.05
N VAL D 181 24.65 -38.92 24.80
CA VAL D 181 23.62 -38.98 25.83
C VAL D 181 22.26 -39.10 25.19
N LYS D 182 22.05 -38.43 24.06
CA LYS D 182 20.77 -38.47 23.35
C LYS D 182 20.47 -39.86 22.79
N GLU D 183 21.51 -40.64 22.50
CA GLU D 183 21.31 -42.05 22.16
C GLU D 183 20.67 -42.84 23.28
N ILE D 184 21.06 -42.57 24.53
CA ILE D 184 20.46 -43.24 25.68
C ILE D 184 19.07 -42.70 25.92
N LEU D 185 18.89 -41.40 25.73
CA LEU D 185 17.60 -40.77 26.00
C LEU D 185 16.54 -41.13 24.96
N ALA D 186 16.95 -41.47 23.74
CA ALA D 186 15.98 -41.83 22.71
C ALA D 186 15.34 -43.17 22.97
N ASP D 187 15.99 -44.04 23.77
CA ASP D 187 15.47 -45.37 24.02
C ASP D 187 14.27 -45.32 24.95
N TYR D 188 14.30 -44.45 25.96
CA TYR D 188 13.23 -44.38 26.94
C TYR D 188 12.07 -43.54 26.45
N ASP D 189 12.32 -42.61 25.55
CA ASP D 189 11.27 -41.92 24.80
C ASP D 189 11.82 -41.44 23.47
N PRO D 190 11.13 -41.71 22.36
CA PRO D 190 11.58 -41.19 21.07
C PRO D 190 11.35 -39.69 20.88
N ASN D 191 10.43 -39.09 21.61
CA ASN D 191 10.05 -37.68 21.42
C ASN D 191 10.65 -36.78 22.48
N PHE D 192 11.88 -37.06 22.88
CA PHE D 192 12.57 -36.22 23.86
C PHE D 192 13.00 -34.90 23.22
N MET D 193 13.05 -33.86 24.04
CA MET D 193 13.12 -32.47 23.60
C MET D 193 14.34 -31.82 24.23
N ALA D 194 15.50 -31.95 23.59
CA ALA D 194 16.72 -31.35 24.12
C ALA D 194 16.67 -29.86 23.88
N MET D 195 16.57 -29.07 24.96
CA MET D 195 16.54 -27.62 24.82
C MET D 195 17.91 -27.09 24.45
N SER D 196 18.87 -27.26 25.33
CA SER D 196 20.26 -26.96 25.05
C SER D 196 20.97 -28.25 24.67
N LEU D 197 22.29 -28.20 24.67
CA LEU D 197 23.10 -29.40 24.50
C LEU D 197 23.10 -30.31 25.72
N ASP D 198 22.50 -29.92 26.84
CA ASP D 198 22.48 -30.89 27.93
C ASP D 198 21.10 -31.11 28.54
N GLU D 199 20.29 -30.07 28.65
CA GLU D 199 18.96 -30.23 29.21
C GLU D 199 18.12 -31.08 28.27
N ALA D 200 17.19 -31.83 28.85
CA ALA D 200 16.45 -32.81 28.07
C ALA D 200 15.14 -33.09 28.76
N TYR D 201 14.05 -32.59 28.24
CA TYR D 201 12.75 -32.98 28.74
C TYR D 201 12.37 -34.32 28.15
N LEU D 202 12.07 -35.30 29.00
CA LEU D 202 11.68 -36.64 28.56
C LEU D 202 10.32 -36.97 29.15
N ASN D 203 9.53 -37.73 28.42
CA ASN D 203 8.20 -38.13 28.87
C ASN D 203 8.20 -39.64 29.05
N ILE D 204 8.12 -40.08 30.31
CA ILE D 204 8.18 -41.49 30.64
C ILE D 204 6.82 -41.88 31.23
N THR D 205 5.75 -41.35 30.64
CA THR D 205 4.40 -41.79 31.02
C THR D 205 3.98 -43.07 30.33
N LYS D 206 4.69 -43.51 29.29
CA LYS D 206 4.34 -44.73 28.57
C LYS D 206 5.35 -45.84 28.74
N HIS D 207 6.63 -45.51 28.89
CA HIS D 207 7.68 -46.53 29.02
C HIS D 207 7.59 -47.29 30.34
N LEU D 208 7.00 -46.69 31.38
CA LEU D 208 6.97 -47.34 32.68
C LEU D 208 5.97 -48.49 32.73
N GLU D 209 4.82 -48.34 32.08
CA GLU D 209 3.83 -49.41 32.07
C GLU D 209 4.30 -50.60 31.23
N GLU D 210 4.98 -50.32 30.12
CA GLU D 210 5.56 -51.35 29.27
C GLU D 210 6.91 -51.86 29.78
N ARG D 211 7.19 -51.69 31.06
CA ARG D 211 8.38 -52.20 31.72
C ARG D 211 8.06 -53.27 32.75
N GLN D 212 6.78 -53.45 33.09
CA GLN D 212 6.38 -54.31 34.20
C GLN D 212 6.61 -55.79 33.91
N ASN D 213 6.44 -56.21 32.66
CA ASN D 213 6.57 -57.62 32.29
C ASN D 213 7.96 -57.97 31.79
N TRP D 214 8.99 -57.31 32.30
CA TRP D 214 10.35 -57.47 31.83
C TRP D 214 11.12 -58.45 32.70
N PRO D 215 12.12 -59.13 32.16
CA PRO D 215 12.97 -60.01 32.98
C PRO D 215 13.98 -59.20 33.79
N GLU D 216 14.76 -59.93 34.59
CA GLU D 216 15.72 -59.33 35.52
C GLU D 216 17.12 -59.23 34.94
N ASP D 217 17.28 -59.35 33.63
CA ASP D 217 18.53 -59.02 32.97
C ASP D 217 18.35 -58.03 31.84
N LYS D 218 17.13 -57.84 31.35
CA LYS D 218 16.84 -56.68 30.52
C LYS D 218 16.86 -55.40 31.35
N ARG D 219 16.44 -55.50 32.61
CA ARG D 219 16.48 -54.40 33.56
C ARG D 219 17.73 -54.42 34.42
N ARG D 220 18.86 -54.81 33.86
CA ARG D 220 20.09 -54.96 34.61
C ARG D 220 21.27 -54.69 33.69
N TYR D 221 22.15 -53.80 34.10
CA TYR D 221 23.23 -53.37 33.24
C TYR D 221 24.55 -53.74 33.90
N PHE D 222 25.65 -53.44 33.22
CA PHE D 222 26.96 -53.82 33.71
C PHE D 222 27.82 -52.59 33.94
N ILE D 223 28.66 -52.66 34.98
CA ILE D 223 29.62 -51.61 35.21
C ILE D 223 30.70 -51.66 34.14
N LYS D 224 31.11 -50.49 33.67
CA LYS D 224 32.08 -50.42 32.59
C LYS D 224 33.47 -50.06 33.11
N ASN D 282 26.83 -58.93 36.05
CA ASN D 282 26.28 -57.61 35.77
C ASN D 282 26.11 -56.82 37.06
N SER D 283 25.93 -55.50 36.92
CA SER D 283 25.83 -54.64 38.09
C SER D 283 24.41 -54.67 38.66
N VAL D 284 24.14 -53.71 39.55
CA VAL D 284 22.96 -53.77 40.40
C VAL D 284 21.69 -53.58 39.58
N VAL D 285 20.70 -54.43 39.85
CA VAL D 285 19.45 -54.42 39.13
C VAL D 285 18.62 -53.24 39.60
N PHE D 286 18.11 -52.46 38.65
CA PHE D 286 17.24 -51.34 38.94
C PHE D 286 15.78 -51.79 38.81
N GLY D 287 14.94 -51.33 39.73
CA GLY D 287 13.57 -51.79 39.78
C GLY D 287 12.65 -51.24 38.72
N THR D 288 11.35 -51.33 38.96
CA THR D 288 10.36 -50.86 38.01
C THR D 288 9.68 -49.57 38.43
N SER D 289 10.17 -48.89 39.47
CA SER D 289 9.51 -47.69 39.95
C SER D 289 9.98 -46.46 39.16
N ALA D 290 9.22 -45.37 39.31
CA ALA D 290 9.49 -44.15 38.56
C ALA D 290 10.78 -43.48 39.00
N GLN D 291 11.19 -43.69 40.25
CA GLN D 291 12.54 -43.35 40.65
C GLN D 291 13.57 -44.25 39.98
N GLU D 292 13.22 -45.52 39.77
CA GLU D 292 14.20 -46.49 39.30
C GLU D 292 14.52 -46.33 37.83
N VAL D 293 13.55 -45.91 37.01
CA VAL D 293 13.83 -45.71 35.59
C VAL D 293 14.81 -44.57 35.42
N VAL D 294 14.73 -43.56 36.29
CA VAL D 294 15.64 -42.43 36.23
C VAL D 294 16.98 -42.81 36.82
N LYS D 295 17.00 -43.70 37.82
CA LYS D 295 18.27 -44.24 38.31
C LYS D 295 18.98 -45.05 37.24
N GLU D 296 18.22 -45.76 36.42
CA GLU D 296 18.78 -46.49 35.28
C GLU D 296 19.35 -45.53 34.24
N ILE D 297 18.61 -44.45 33.94
CA ILE D 297 19.06 -43.46 32.96
C ILE D 297 20.34 -42.80 33.42
N ARG D 298 20.40 -42.42 34.70
CA ARG D 298 21.60 -41.79 35.25
C ARG D 298 22.77 -42.77 35.29
N PHE D 299 22.50 -44.05 35.54
CA PHE D 299 23.58 -45.03 35.55
C PHE D 299 24.14 -45.29 34.15
N ARG D 300 23.28 -45.32 33.14
CA ARG D 300 23.76 -45.52 31.77
C ARG D 300 24.54 -44.31 31.27
N ILE D 301 24.04 -43.10 31.54
CA ILE D 301 24.76 -41.89 31.15
C ILE D 301 26.06 -41.78 31.95
N GLU D 302 26.08 -42.32 33.17
CA GLU D 302 27.31 -42.34 33.95
C GLU D 302 28.34 -43.27 33.33
N GLN D 303 28.04 -44.56 33.26
CA GLN D 303 29.01 -45.50 32.68
C GLN D 303 28.75 -45.73 31.20
N LYS D 304 28.48 -44.65 30.48
CA LYS D 304 28.64 -44.61 29.03
C LYS D 304 29.27 -43.32 28.53
N THR D 305 29.53 -42.34 29.42
CA THR D 305 30.23 -41.11 29.07
C THR D 305 31.35 -40.81 30.06
N THR D 306 31.52 -41.66 31.07
CA THR D 306 32.44 -41.47 32.20
C THR D 306 32.21 -40.12 32.89
N LEU D 307 30.98 -39.88 33.33
CA LEU D 307 30.59 -38.57 33.85
C LEU D 307 29.42 -38.77 34.83
N THR D 308 28.84 -37.66 35.32
CA THR D 308 27.66 -37.66 36.17
C THR D 308 26.58 -36.79 35.55
N ALA D 309 25.36 -36.94 36.05
CA ALA D 309 24.24 -36.18 35.53
C ALA D 309 23.15 -36.15 36.58
N SER D 310 22.70 -34.95 36.92
CA SER D 310 21.59 -34.73 37.83
C SER D 310 20.30 -35.09 37.11
N ALA D 311 19.18 -34.95 37.82
CA ALA D 311 17.90 -35.33 37.24
C ALA D 311 16.80 -34.69 38.05
N GLY D 312 15.58 -34.89 37.59
CA GLY D 312 14.46 -34.37 38.33
C GLY D 312 13.16 -34.89 37.76
N ILE D 313 12.31 -35.41 38.63
CA ILE D 313 11.04 -35.99 38.24
C ILE D 313 9.96 -35.02 38.68
N ALA D 314 9.00 -34.75 37.81
CA ALA D 314 7.90 -33.87 38.22
C ALA D 314 6.67 -34.22 37.42
N PRO D 315 5.49 -33.80 37.88
CA PRO D 315 4.30 -33.87 37.00
C PRO D 315 4.26 -32.81 35.92
N ASN D 316 5.16 -31.83 35.94
CA ASN D 316 5.13 -30.73 34.97
C ASN D 316 6.56 -30.29 34.68
N THR D 317 6.70 -29.33 33.77
CA THR D 317 8.01 -28.97 33.26
C THR D 317 8.73 -27.97 34.15
N MET D 318 8.04 -26.89 34.57
CA MET D 318 8.64 -25.88 35.42
C MET D 318 8.96 -26.42 36.80
N LEU D 319 8.22 -27.44 37.26
CA LEU D 319 8.58 -28.09 38.51
C LEU D 319 9.82 -28.94 38.32
N ALA D 320 9.96 -29.58 37.16
CA ALA D 320 11.13 -30.39 36.87
C ALA D 320 12.39 -29.56 36.78
N LYS D 321 12.27 -28.34 36.25
CA LYS D 321 13.42 -27.45 36.10
C LYS D 321 14.01 -27.04 37.45
N VAL D 322 13.20 -27.03 38.51
CA VAL D 322 13.69 -26.61 39.82
C VAL D 322 13.96 -27.83 40.70
N CYS D 323 13.22 -28.93 40.51
CA CYS D 323 13.53 -30.17 41.20
C CYS D 323 14.87 -30.73 40.76
N SER D 324 15.26 -30.43 39.52
CA SER D 324 16.60 -30.77 39.07
C SER D 324 17.68 -29.96 39.77
N ASP D 325 17.31 -28.92 40.50
CA ASP D 325 18.26 -28.12 41.25
C ASP D 325 18.19 -28.38 42.76
N LYS D 326 17.30 -29.26 43.21
CA LYS D 326 17.08 -29.44 44.64
C LYS D 326 18.22 -30.16 45.31
N ASN D 327 18.41 -31.44 44.99
CA ASN D 327 19.57 -32.17 45.48
C ASN D 327 20.54 -32.14 44.31
N LYS D 328 21.42 -31.15 44.32
CA LYS D 328 21.95 -30.77 43.01
C LYS D 328 23.11 -31.62 42.48
N PRO D 329 24.29 -31.75 43.13
CA PRO D 329 25.38 -32.43 42.43
C PRO D 329 25.20 -33.94 42.46
N ASN D 330 25.00 -34.53 41.27
CA ASN D 330 24.84 -35.97 41.05
C ASN D 330 23.60 -36.53 41.76
N GLY D 331 22.59 -35.71 41.98
CA GLY D 331 21.46 -36.16 42.77
C GLY D 331 20.16 -36.09 42.02
N GLN D 332 19.04 -36.26 42.70
CA GLN D 332 17.73 -36.23 42.06
C GLN D 332 16.68 -35.86 43.09
N TYR D 333 15.42 -35.93 42.69
CA TYR D 333 14.28 -35.53 43.49
C TYR D 333 13.04 -36.05 42.80
N GLN D 334 11.90 -35.89 43.44
CA GLN D 334 10.66 -36.45 42.92
C GLN D 334 9.47 -35.79 43.60
N ILE D 335 8.43 -35.52 42.83
CA ILE D 335 7.13 -35.12 43.36
C ILE D 335 6.11 -36.15 42.91
N LEU D 336 5.09 -36.38 43.73
CA LEU D 336 4.01 -37.31 43.43
C LEU D 336 2.87 -36.59 42.72
N PRO D 337 2.21 -37.24 41.75
CA PRO D 337 1.07 -36.61 41.07
C PRO D 337 -0.22 -36.63 41.87
N ASN D 338 -0.36 -35.68 42.79
CA ASN D 338 -1.60 -35.46 43.52
C ASN D 338 -1.68 -33.99 43.89
N ARG D 339 -2.88 -33.42 43.78
CA ARG D 339 -3.07 -31.97 43.82
C ARG D 339 -2.76 -31.36 45.18
N GLN D 340 -2.67 -32.17 46.24
CA GLN D 340 -2.17 -31.67 47.51
C GLN D 340 -0.66 -31.51 47.47
N ALA D 341 0.04 -32.53 46.96
CA ALA D 341 1.50 -32.58 47.03
C ALA D 341 2.18 -31.59 46.11
N VAL D 342 1.45 -30.97 45.19
CA VAL D 342 1.99 -29.88 44.39
C VAL D 342 2.02 -28.57 45.18
N MET D 343 1.23 -28.47 46.27
CA MET D 343 1.17 -27.24 47.04
C MET D 343 2.25 -27.14 48.11
N ASP D 344 2.68 -28.28 48.65
CA ASP D 344 3.66 -28.27 49.74
C ASP D 344 5.07 -27.95 49.26
N PHE D 345 5.35 -28.11 47.97
CA PHE D 345 6.62 -27.65 47.42
C PHE D 345 6.51 -26.28 46.76
N ILE D 346 5.31 -25.87 46.34
CA ILE D 346 5.15 -24.55 45.72
C ILE D 346 5.30 -23.42 46.71
N LYS D 347 5.29 -23.69 48.01
CA LYS D 347 5.61 -22.72 49.03
C LYS D 347 7.11 -22.77 49.36
N ASP D 348 7.57 -21.74 50.08
CA ASP D 348 8.94 -21.65 50.64
C ASP D 348 10.01 -21.68 49.56
N LEU D 349 9.70 -21.11 48.41
CA LEU D 349 10.63 -21.02 47.28
C LEU D 349 10.90 -19.58 46.93
N PRO D 350 12.17 -19.17 46.84
CA PRO D 350 12.48 -17.85 46.30
C PRO D 350 12.15 -17.78 44.82
N ILE D 351 12.08 -16.57 44.30
CA ILE D 351 11.83 -16.44 42.86
C ILE D 351 13.14 -16.04 42.18
N ARG D 352 14.25 -16.22 42.89
CA ARG D 352 15.56 -16.29 42.26
C ARG D 352 15.82 -17.66 41.66
N LYS D 353 14.91 -18.62 41.85
CA LYS D 353 15.09 -20.01 41.44
C LYS D 353 14.32 -20.37 40.18
N VAL D 354 13.10 -19.89 40.03
CA VAL D 354 12.27 -20.23 38.88
C VAL D 354 12.83 -19.56 37.63
N SER D 355 12.72 -20.24 36.50
CA SER D 355 13.11 -19.70 35.21
C SER D 355 11.93 -18.99 34.56
N GLY D 356 12.17 -17.81 34.01
CA GLY D 356 11.13 -16.92 33.54
C GLY D 356 10.87 -15.73 34.44
N ILE D 357 11.42 -15.74 35.66
CA ILE D 357 11.41 -14.59 36.57
C ILE D 357 12.87 -14.31 36.88
N GLY D 358 13.39 -13.22 36.34
CA GLY D 358 14.83 -13.13 36.23
C GLY D 358 15.58 -12.31 37.27
N LYS D 359 15.88 -11.08 36.91
CA LYS D 359 16.53 -10.13 37.78
C LYS D 359 15.77 -8.84 37.94
N VAL D 360 15.19 -8.33 36.86
CA VAL D 360 14.43 -7.08 36.92
C VAL D 360 12.98 -7.33 37.33
N THR D 361 12.37 -8.42 36.88
CA THR D 361 11.05 -8.79 37.39
C THR D 361 11.16 -9.35 38.82
N GLU D 362 12.36 -9.65 39.30
CA GLU D 362 12.57 -9.82 40.73
C GLU D 362 12.45 -8.50 41.47
N LYS D 363 13.16 -7.47 41.01
CA LYS D 363 13.16 -6.19 41.73
C LYS D 363 11.84 -5.47 41.61
N MET D 364 11.10 -5.66 40.53
CA MET D 364 9.75 -5.15 40.44
C MET D 364 8.75 -5.97 41.21
N LEU D 365 9.18 -6.99 41.93
CA LEU D 365 8.32 -7.71 42.86
C LEU D 365 8.84 -7.67 44.28
N LYS D 366 10.06 -7.17 44.49
CA LYS D 366 10.50 -6.80 45.83
C LYS D 366 9.76 -5.56 46.32
N ALA D 367 9.27 -4.75 45.38
CA ALA D 367 8.46 -3.58 45.75
C ALA D 367 7.15 -3.99 46.37
N LEU D 368 6.41 -4.90 45.74
CA LEU D 368 5.10 -5.33 46.24
C LEU D 368 5.18 -6.39 47.34
N GLY D 369 6.37 -6.64 47.90
CA GLY D 369 6.54 -7.55 49.01
C GLY D 369 6.38 -9.02 48.68
N ILE D 370 7.16 -9.50 47.70
CA ILE D 370 7.09 -10.89 47.26
C ILE D 370 8.45 -11.54 47.48
N ILE D 371 8.46 -12.68 48.15
CA ILE D 371 9.64 -13.55 48.16
C ILE D 371 9.19 -14.96 47.81
N THR D 372 8.17 -15.46 48.48
CA THR D 372 7.70 -16.81 48.20
C THR D 372 6.53 -16.78 47.24
N CYS D 373 6.23 -17.95 46.66
CA CYS D 373 5.15 -18.05 45.70
C CYS D 373 3.78 -18.02 46.36
N THR D 374 3.69 -18.22 47.68
CA THR D 374 2.43 -17.99 48.38
C THR D 374 2.10 -16.50 48.43
N GLU D 375 3.11 -15.67 48.71
CA GLU D 375 2.94 -14.24 48.59
C GLU D 375 2.65 -13.83 47.15
N LEU D 376 3.29 -14.51 46.20
CA LEU D 376 3.05 -14.25 44.79
C LEU D 376 1.64 -14.67 44.39
N TYR D 377 1.03 -15.60 45.13
CA TYR D 377 -0.37 -15.93 44.93
C TYR D 377 -1.31 -14.95 45.60
N GLN D 378 -0.86 -14.28 46.67
CA GLN D 378 -1.73 -13.43 47.47
C GLN D 378 -1.95 -12.04 46.88
N GLN D 379 -1.52 -11.80 45.65
CA GLN D 379 -1.65 -10.51 44.97
C GLN D 379 -2.32 -10.70 43.62
N ARG D 380 -3.49 -11.36 43.61
CA ARG D 380 -4.19 -11.64 42.36
C ARG D 380 -4.64 -10.36 41.66
N ALA D 381 -5.46 -9.56 42.32
CA ALA D 381 -5.98 -8.36 41.69
C ALA D 381 -4.96 -7.24 41.62
N LEU D 382 -3.88 -7.32 42.38
CA LEU D 382 -2.80 -6.36 42.22
C LEU D 382 -2.02 -6.63 40.94
N LEU D 383 -1.50 -7.86 40.80
CA LEU D 383 -0.65 -8.18 39.67
C LEU D 383 -1.45 -8.32 38.38
N SER D 384 -2.75 -8.60 38.47
CA SER D 384 -3.57 -8.69 37.27
C SER D 384 -3.81 -7.32 36.65
N LEU D 385 -3.91 -6.29 37.48
CA LEU D 385 -4.13 -4.94 36.96
C LEU D 385 -2.81 -4.24 36.67
N LEU D 386 -1.77 -4.52 37.46
CA LEU D 386 -0.50 -3.82 37.32
C LEU D 386 0.25 -4.24 36.06
N PHE D 387 0.63 -5.51 35.99
CA PHE D 387 1.53 -5.98 34.95
C PHE D 387 0.77 -6.27 33.65
N SER D 388 1.54 -6.62 32.61
CA SER D 388 1.00 -6.82 31.29
C SER D 388 0.26 -8.16 31.21
N GLU D 389 -0.32 -8.43 30.03
CA GLU D 389 -1.25 -9.55 29.88
C GLU D 389 -0.54 -10.89 29.99
N THR D 390 0.47 -11.13 29.14
CA THR D 390 1.22 -12.37 29.17
C THR D 390 2.01 -12.53 30.46
N SER D 391 2.45 -11.43 31.06
CA SER D 391 3.20 -11.54 32.30
C SER D 391 2.30 -11.94 33.47
N TRP D 392 1.10 -11.35 33.58
CA TRP D 392 0.21 -11.82 34.66
C TRP D 392 -0.37 -13.20 34.36
N HIS D 393 -0.47 -13.59 33.09
CA HIS D 393 -0.73 -14.99 32.76
C HIS D 393 0.34 -15.89 33.34
N TYR D 394 1.62 -15.54 33.11
CA TYR D 394 2.74 -16.32 33.62
C TYR D 394 2.77 -16.34 35.14
N PHE D 395 2.40 -15.23 35.77
CA PHE D 395 2.35 -15.17 37.22
C PHE D 395 1.21 -16.00 37.82
N LEU D 396 0.05 -16.04 37.15
CA LEU D 396 -1.07 -16.81 37.68
C LEU D 396 -0.89 -18.30 37.41
N HIS D 397 -0.10 -18.66 36.39
CA HIS D 397 0.13 -20.07 36.15
C HIS D 397 1.39 -20.59 36.84
N ILE D 398 2.33 -19.71 37.20
CA ILE D 398 3.43 -20.09 38.08
C ILE D 398 3.02 -20.11 39.53
N SER D 399 1.84 -19.59 39.85
CA SER D 399 1.34 -19.57 41.22
C SER D 399 0.79 -20.92 41.64
N LEU D 400 -0.10 -21.48 40.83
CA LEU D 400 -0.66 -22.80 41.13
C LEU D 400 0.26 -23.93 40.71
N GLY D 401 1.40 -23.64 40.08
CA GLY D 401 2.32 -24.67 39.64
C GLY D 401 1.92 -25.34 38.35
N LEU D 402 1.23 -24.62 37.48
CA LEU D 402 0.67 -25.19 36.27
C LEU D 402 1.63 -25.02 35.09
N GLY D 403 1.30 -25.70 33.99
CA GLY D 403 2.08 -25.58 32.77
C GLY D 403 1.85 -26.70 31.78
N SER D 404 2.96 -27.27 31.30
CA SER D 404 2.94 -28.23 30.19
C SER D 404 2.63 -29.61 30.74
N THR D 405 1.50 -30.17 30.30
CA THR D 405 1.14 -31.53 30.70
C THR D 405 1.44 -32.55 29.61
N HIS D 406 1.63 -32.09 28.38
CA HIS D 406 1.99 -32.96 27.26
C HIS D 406 3.01 -32.27 26.38
N LEU D 407 4.08 -32.98 26.07
CA LEU D 407 5.23 -32.41 25.37
C LEU D 407 4.96 -32.29 23.88
N THR D 408 5.73 -31.42 23.24
CA THR D 408 5.58 -31.11 21.82
C THR D 408 6.41 -32.03 20.94
N GLU D 412 10.63 -24.88 12.65
CA GLU D 412 11.94 -25.24 13.14
C GLU D 412 12.68 -24.00 13.66
N ARG D 413 13.91 -23.84 13.18
CA ARG D 413 14.73 -22.69 13.55
C ARG D 413 14.12 -21.42 13.00
N LYS D 414 14.34 -20.30 13.69
CA LYS D 414 13.69 -19.04 13.35
C LYS D 414 14.67 -17.88 13.20
N SER D 415 15.93 -18.09 13.48
CA SER D 415 16.92 -17.03 13.35
C SER D 415 18.28 -17.68 13.24
N MET D 416 19.25 -16.89 12.78
CA MET D 416 20.63 -17.36 12.80
C MET D 416 21.52 -16.14 12.74
N SER D 417 22.37 -15.98 13.74
CA SER D 417 23.13 -14.75 13.86
C SER D 417 24.60 -15.05 13.96
N VAL D 418 25.40 -14.03 13.70
CA VAL D 418 26.80 -13.98 14.08
C VAL D 418 27.06 -12.59 14.62
N GLU D 419 27.53 -12.49 15.86
CA GLU D 419 27.96 -11.23 16.42
C GLU D 419 29.44 -11.33 16.73
N ARG D 420 30.10 -10.19 16.81
CA ARG D 420 31.52 -10.21 17.11
C ARG D 420 31.93 -8.92 17.79
N THR D 421 32.70 -9.05 18.86
CA THR D 421 33.24 -7.94 19.60
C THR D 421 34.74 -7.80 19.34
N PHE D 422 35.25 -6.62 19.65
CA PHE D 422 36.60 -6.22 19.30
C PHE D 422 36.95 -4.99 20.13
N SER D 423 38.15 -4.45 19.90
CA SER D 423 38.60 -3.28 20.64
C SER D 423 37.94 -2.02 20.08
N GLU D 424 38.42 -0.85 20.47
CA GLU D 424 37.80 0.39 20.03
C GLU D 424 38.18 0.67 18.57
N ILE D 425 37.16 0.97 17.75
CA ILE D 425 37.37 1.38 16.37
C ILE D 425 36.97 2.84 16.23
N ASN D 426 37.67 3.58 15.38
CA ASN D 426 37.30 4.96 15.08
C ASN D 426 37.47 5.33 13.61
N LYS D 427 37.71 4.37 12.73
CA LYS D 427 37.93 4.65 11.32
C LYS D 427 36.63 4.52 10.54
N ALA D 428 36.72 4.76 9.23
CA ALA D 428 35.56 4.64 8.36
C ALA D 428 35.62 3.43 7.45
N GLU D 429 36.82 2.98 7.07
CA GLU D 429 36.93 1.84 6.18
C GLU D 429 36.83 0.52 6.93
N GLU D 430 37.27 0.50 8.19
CA GLU D 430 37.32 -0.74 8.95
C GLU D 430 35.94 -1.30 9.27
N GLN D 431 34.94 -0.44 9.48
CA GLN D 431 33.59 -0.93 9.71
C GLN D 431 32.99 -1.53 8.45
N TYR D 432 33.21 -0.90 7.30
CA TYR D 432 32.69 -1.44 6.05
C TYR D 432 33.39 -2.72 5.66
N SER D 433 34.68 -2.87 5.96
CA SER D 433 35.38 -4.11 5.65
C SER D 433 35.07 -5.21 6.64
N LEU D 434 34.85 -4.88 7.92
CA LEU D 434 34.57 -5.88 8.93
C LEU D 434 33.13 -6.34 8.91
N CYS D 435 32.22 -5.58 8.29
CA CYS D 435 30.89 -6.14 8.07
C CYS D 435 30.92 -7.26 7.04
N GLN D 436 31.91 -7.29 6.15
CA GLN D 436 31.95 -8.31 5.11
C GLN D 436 32.36 -9.68 5.65
N GLU D 437 33.28 -9.73 6.62
CA GLU D 437 33.65 -11.02 7.19
C GLU D 437 32.49 -11.62 7.95
N LEU D 438 31.74 -10.79 8.66
CA LEU D 438 30.55 -11.25 9.34
C LEU D 438 29.41 -11.59 8.39
N CYS D 439 29.38 -11.02 7.20
CA CYS D 439 28.44 -11.48 6.20
C CYS D 439 28.86 -12.82 5.61
N SER D 440 30.15 -13.02 5.38
CA SER D 440 30.71 -14.23 4.80
C SER D 440 30.59 -15.45 5.68
N GLU D 441 31.01 -15.34 6.96
CA GLU D 441 30.96 -16.49 7.86
C GLU D 441 29.53 -16.93 8.12
N LEU D 442 28.61 -15.99 8.23
CA LEU D 442 27.20 -16.30 8.31
C LEU D 442 26.65 -16.88 7.01
N ALA D 443 27.21 -16.48 5.86
CA ALA D 443 26.77 -17.11 4.61
C ALA D 443 27.30 -18.53 4.47
N GLN D 444 28.46 -18.81 5.06
CA GLN D 444 28.94 -20.19 5.15
C GLN D 444 27.99 -21.03 6.00
N ASP D 445 27.68 -20.53 7.19
CA ASP D 445 26.85 -21.30 8.12
C ASP D 445 25.38 -21.33 7.74
N LEU D 446 24.95 -20.53 6.78
CA LEU D 446 23.55 -20.54 6.38
C LEU D 446 23.21 -21.65 5.40
N GLN D 447 24.19 -22.14 4.65
CA GLN D 447 23.97 -23.16 3.63
C GLN D 447 24.12 -24.58 4.16
N LYS D 448 24.70 -24.76 5.34
CA LYS D 448 24.88 -26.10 5.89
C LYS D 448 23.54 -26.68 6.29
N GLU D 449 22.60 -25.84 6.65
CA GLU D 449 21.22 -26.28 6.84
C GLU D 449 20.35 -25.98 5.63
N ARG D 450 20.90 -25.27 4.63
CA ARG D 450 20.22 -24.91 3.39
C ARG D 450 18.95 -24.11 3.66
N LEU D 451 19.11 -22.93 4.22
CA LEU D 451 17.98 -22.08 4.55
C LEU D 451 18.11 -20.74 3.83
N LYS D 452 16.97 -20.23 3.37
CA LYS D 452 16.89 -19.02 2.56
C LYS D 452 16.28 -17.92 3.40
N GLY D 453 17.12 -17.03 3.92
CA GLY D 453 16.61 -15.94 4.73
C GLY D 453 16.30 -14.69 3.92
N ARG D 454 15.46 -13.82 4.48
CA ARG D 454 14.99 -12.64 3.77
C ARG D 454 14.91 -11.42 4.68
N THR D 455 15.90 -11.23 5.55
CA THR D 455 15.96 -10.08 6.46
C THR D 455 17.39 -10.02 6.96
N VAL D 456 18.01 -8.85 6.93
CA VAL D 456 19.29 -8.70 7.61
C VAL D 456 19.16 -7.58 8.61
N THR D 457 19.54 -7.83 9.85
CA THR D 457 19.42 -6.88 10.94
C THR D 457 20.79 -6.71 11.57
N ILE D 458 21.48 -5.63 11.23
CA ILE D 458 22.77 -5.37 11.85
C ILE D 458 22.54 -4.88 13.27
N LYS D 459 23.56 -4.98 14.12
CA LYS D 459 23.43 -4.62 15.53
C LYS D 459 24.76 -4.11 16.03
N LEU D 460 24.77 -2.84 16.43
CA LEU D 460 25.98 -2.13 16.80
C LEU D 460 25.95 -1.73 18.27
N LYS D 461 27.13 -1.62 18.85
CA LYS D 461 27.28 -1.30 20.27
C LYS D 461 28.35 -0.23 20.43
N ASN D 462 27.99 0.88 21.07
CA ASN D 462 28.91 1.99 21.32
C ASN D 462 29.98 1.57 22.33
N VAL D 463 30.97 2.45 22.53
CA VAL D 463 31.95 2.14 23.57
C VAL D 463 31.36 2.41 24.95
N ASN D 464 30.28 3.20 25.03
CA ASN D 464 29.55 3.36 26.28
C ASN D 464 28.21 2.62 26.23
N PHE D 465 28.18 1.51 25.50
CA PHE D 465 27.25 0.41 25.72
C PHE D 465 25.78 0.76 25.46
N GLU D 466 25.43 1.07 24.22
CA GLU D 466 24.03 1.13 23.80
C GLU D 466 23.82 0.20 22.62
N VAL D 467 22.72 -0.53 22.64
CA VAL D 467 22.39 -1.42 21.52
C VAL D 467 21.76 -0.59 20.41
N LYS D 468 22.02 -1.00 19.17
CA LYS D 468 21.40 -0.36 18.02
C LYS D 468 21.19 -1.46 16.99
N THR D 469 20.00 -2.04 16.98
CA THR D 469 19.68 -3.06 15.99
C THR D 469 18.92 -2.40 14.87
N ARG D 470 19.59 -2.22 13.74
CA ARG D 470 19.02 -1.64 12.55
C ARG D 470 18.70 -2.74 11.55
N ALA D 471 17.43 -2.85 11.20
CA ALA D 471 16.90 -3.95 10.42
C ALA D 471 16.60 -3.53 8.99
N SER D 472 16.51 -4.53 8.11
CA SER D 472 16.15 -4.27 6.72
C SER D 472 15.61 -5.56 6.10
N THR D 473 14.37 -5.52 5.64
CA THR D 473 13.74 -6.65 4.98
C THR D 473 13.76 -6.47 3.47
N VAL D 474 14.24 -7.48 2.76
CA VAL D 474 14.25 -7.46 1.30
C VAL D 474 13.28 -8.51 0.80
N SER D 475 13.06 -8.56 -0.51
CA SER D 475 12.20 -9.58 -1.11
C SER D 475 12.97 -10.67 -1.82
N SER D 476 14.25 -10.45 -2.09
CA SER D 476 15.11 -11.51 -2.57
C SER D 476 15.63 -12.34 -1.41
N VAL D 477 15.52 -13.66 -1.51
CA VAL D 477 16.02 -14.52 -0.45
C VAL D 477 17.54 -14.48 -0.45
N VAL D 478 18.11 -14.47 0.76
CA VAL D 478 19.50 -14.08 0.95
C VAL D 478 20.27 -15.31 1.37
N SER D 479 21.31 -15.65 0.61
CA SER D 479 22.11 -16.81 1.01
C SER D 479 23.60 -16.54 1.02
N THR D 480 24.09 -15.78 0.05
CA THR D 480 25.53 -15.78 -0.21
C THR D 480 26.20 -14.55 0.38
N ALA D 481 27.54 -14.61 0.48
CA ALA D 481 28.36 -13.58 1.13
C ALA D 481 28.35 -12.24 0.43
N GLU D 482 27.78 -12.13 -0.77
CA GLU D 482 27.61 -10.86 -1.45
C GLU D 482 26.16 -10.43 -1.56
N GLU D 483 25.21 -11.33 -1.31
CA GLU D 483 23.82 -10.91 -1.27
C GLU D 483 23.40 -10.47 0.11
N ILE D 484 24.23 -10.70 1.14
CA ILE D 484 24.00 -10.11 2.45
C ILE D 484 24.60 -8.72 2.51
N PHE D 485 25.87 -8.59 2.11
CA PHE D 485 26.68 -7.39 2.34
C PHE D 485 26.11 -6.15 1.68
N ALA D 486 25.38 -6.32 0.59
CA ALA D 486 24.66 -5.23 -0.02
C ALA D 486 23.28 -5.03 0.58
N ILE D 487 22.99 -5.63 1.73
CA ILE D 487 21.86 -5.23 2.55
C ILE D 487 22.31 -4.65 3.88
N ALA D 488 23.54 -4.93 4.32
CA ALA D 488 24.05 -4.39 5.56
C ALA D 488 24.95 -3.19 5.38
N LYS D 489 25.57 -3.01 4.20
CA LYS D 489 26.31 -1.77 4.01
C LYS D 489 25.39 -0.57 3.84
N GLU D 490 24.14 -0.78 3.43
CA GLU D 490 23.17 0.31 3.37
C GLU D 490 22.49 0.57 4.70
N LEU D 491 22.84 -0.16 5.77
CA LEU D 491 22.46 0.16 7.14
C LEU D 491 23.60 0.71 7.96
N LEU D 492 24.81 0.18 7.74
CA LEU D 492 26.00 0.88 8.21
C LEU D 492 26.13 2.27 7.58
N LYS D 493 25.62 2.47 6.35
CA LYS D 493 25.62 3.80 5.76
C LYS D 493 24.60 4.71 6.42
N THR D 494 23.40 4.22 6.70
CA THR D 494 22.37 5.04 7.33
C THR D 494 22.75 5.40 8.76
N GLU D 495 23.49 4.53 9.45
CA GLU D 495 23.83 4.84 10.83
C GLU D 495 25.29 5.17 11.06
N ILE D 496 26.10 5.36 10.02
CA ILE D 496 27.36 6.05 10.20
C ILE D 496 27.18 7.54 9.89
N ASP D 497 26.46 7.85 8.83
CA ASP D 497 26.33 9.22 8.35
C ASP D 497 25.21 9.99 9.02
N ALA D 498 24.55 9.40 10.02
CA ALA D 498 23.59 10.14 10.84
C ALA D 498 24.23 10.74 12.08
N ASP D 499 25.55 10.68 12.17
CA ASP D 499 26.34 11.35 13.20
C ASP D 499 27.27 12.34 12.50
N PHE D 500 26.72 13.16 11.59
CA PHE D 500 27.32 13.84 10.44
C PHE D 500 28.77 14.33 10.58
N PRO D 501 29.21 14.98 11.65
CA PRO D 501 30.65 15.29 11.75
C PRO D 501 31.50 14.29 12.53
N HIS D 502 30.89 13.27 13.14
CA HIS D 502 31.56 12.44 14.13
C HIS D 502 31.54 10.97 13.74
N PRO D 503 32.58 10.22 14.10
CA PRO D 503 32.63 8.81 13.72
C PRO D 503 31.73 7.98 14.62
N LEU D 504 31.73 6.68 14.37
CA LEU D 504 31.18 5.72 15.30
C LEU D 504 32.32 5.04 16.03
N ARG D 505 32.24 5.02 17.36
CA ARG D 505 33.20 4.29 18.18
C ARG D 505 32.50 3.05 18.71
N LEU D 506 32.53 1.99 17.90
CA LEU D 506 31.83 0.77 18.24
C LEU D 506 32.76 -0.22 18.91
N ARG D 507 32.16 -1.25 19.51
CA ARG D 507 32.85 -2.37 20.10
C ARG D 507 32.28 -3.71 19.70
N LEU D 508 31.13 -3.75 19.03
CA LEU D 508 30.49 -5.01 18.63
C LEU D 508 29.63 -4.76 17.42
N MET D 509 29.85 -5.52 16.35
CA MET D 509 28.90 -5.55 15.24
C MET D 509 28.36 -6.95 15.08
N GLY D 510 27.14 -7.06 14.57
CA GLY D 510 26.59 -8.39 14.39
C GLY D 510 25.40 -8.48 13.47
N VAL D 511 25.39 -9.47 12.59
CA VAL D 511 24.35 -9.64 11.60
C VAL D 511 23.46 -10.80 11.97
N ARG D 512 22.24 -10.80 11.42
CA ARG D 512 21.23 -11.72 11.92
C ARG D 512 20.22 -12.00 10.81
N ILE D 513 20.37 -13.16 10.16
CA ILE D 513 19.40 -13.54 9.15
C ILE D 513 18.16 -14.07 9.85
N SER D 514 16.99 -13.71 9.33
CA SER D 514 15.78 -14.04 10.02
C SER D 514 14.73 -14.39 8.98
N SER D 515 13.51 -14.64 9.47
CA SER D 515 12.30 -14.85 8.69
C SER D 515 12.46 -15.97 7.66
N PHE D 516 12.95 -17.12 8.14
CA PHE D 516 13.12 -18.29 7.29
C PHE D 516 11.76 -18.82 6.86
N PRO D 517 11.61 -19.22 5.60
CA PRO D 517 10.28 -19.38 5.03
C PRO D 517 9.68 -20.77 5.24
N ASN D 518 8.39 -20.87 4.93
CA ASN D 518 7.58 -22.06 5.18
C ASN D 518 7.81 -23.10 4.09
N GLU D 519 6.88 -24.05 4.00
CA GLU D 519 6.72 -24.83 2.78
C GLU D 519 5.79 -24.17 1.79
N GLU D 520 4.90 -23.29 2.26
CA GLU D 520 4.00 -22.58 1.37
C GLU D 520 4.71 -21.44 0.65
N ASP D 521 5.84 -20.98 1.19
CA ASP D 521 6.57 -19.86 0.62
C ASP D 521 7.99 -20.21 0.22
N ARG D 522 8.36 -21.48 0.09
CA ARG D 522 9.67 -21.84 -0.43
C ARG D 522 9.60 -22.33 -1.86
N LYS D 523 8.40 -22.45 -2.42
CA LYS D 523 8.22 -22.81 -3.83
C LYS D 523 8.16 -21.61 -4.75
N HIS D 524 8.12 -20.40 -4.21
CA HIS D 524 8.10 -19.16 -4.99
C HIS D 524 9.32 -18.30 -4.72
N GLN D 525 10.50 -18.90 -4.62
CA GLN D 525 11.68 -18.21 -4.10
C GLN D 525 12.25 -17.26 -5.15
N GLN D 526 11.93 -15.97 -4.99
CA GLN D 526 12.52 -14.91 -5.80
C GLN D 526 14.03 -14.83 -5.57
N ARG D 527 14.79 -14.44 -6.58
CA ARG D 527 16.24 -14.41 -6.50
C ARG D 527 16.76 -12.97 -6.55
N SER D 528 17.94 -12.76 -6.00
CA SER D 528 18.58 -11.46 -6.09
C SER D 528 19.14 -11.24 -7.48
N ILE D 529 19.48 -10.00 -7.78
CA ILE D 529 20.15 -9.68 -9.04
C ILE D 529 21.66 -9.79 -8.90
N ILE D 530 22.20 -9.80 -7.69
CA ILE D 530 23.66 -9.77 -7.56
C ILE D 530 24.29 -11.11 -7.87
N GLY D 531 23.48 -12.15 -8.04
CA GLY D 531 23.99 -13.36 -8.65
C GLY D 531 24.36 -13.19 -10.11
N PHE D 532 23.67 -12.29 -10.80
CA PHE D 532 23.84 -12.16 -12.24
C PHE D 532 24.80 -11.07 -12.64
N LEU D 533 24.95 -10.01 -11.83
CA LEU D 533 25.76 -8.87 -12.23
C LEU D 533 27.25 -9.22 -12.19
N GLN D 534 28.06 -8.33 -12.72
CA GLN D 534 29.51 -8.50 -12.69
C GLN D 534 30.21 -7.15 -12.79
N1 DOC E 25 22.69 -20.07 28.84
C2 DOC E 25 23.48 -19.31 27.98
N3 DOC E 25 23.66 -18.00 28.24
C4 DOC E 25 23.09 -17.44 29.32
C5 DOC E 25 22.28 -18.21 30.21
C6 DOC E 25 22.11 -19.51 29.93
O2 DOC E 25 23.99 -19.86 26.99
N4 DOC E 25 23.30 -16.15 29.54
C1' DOC E 25 22.49 -21.51 28.54
C2' DOC E 25 22.42 -22.39 29.77
C3' DOC E 25 21.53 -23.52 29.30
C4' DOC E 25 20.56 -22.82 28.36
O4' DOC E 25 21.25 -21.64 27.88
C5' DOC E 25 19.24 -22.42 29.00
O5' DOC E 25 19.42 -22.21 30.41
P DOC E 25 18.16 -21.95 31.36
OP1 DOC E 25 17.36 -23.20 31.41
OP2 DOC E 25 18.66 -21.32 32.61
PA TTP G . 23.89 -24.96 32.70
O1A TTP G . 23.66 -26.45 32.55
O2A TTP G . 22.75 -24.17 33.43
O3A TTP G . 25.20 -24.79 33.66
PB TTP G . 26.26 -25.93 34.14
O1B TTP G . 27.63 -25.51 33.68
O2B TTP G . 25.73 -27.30 33.78
O3B TTP G . 26.22 -25.79 35.74
PG TTP G . 25.08 -26.55 36.60
O1G TTP G . 25.31 -26.09 38.01
O2G TTP G . 25.36 -28.02 36.36
O3G TTP G . 23.78 -26.06 36.00
O5' TTP G . 24.51 -24.51 31.29
C5' TTP G . 25.28 -25.55 30.67
C4' TTP G . 26.49 -25.10 29.85
O4' TTP G . 26.05 -24.01 29.04
C3' TTP G . 27.67 -24.65 30.68
O3' TTP G . 28.68 -25.65 30.71
C2' TTP G . 28.17 -23.41 29.96
C1' TTP G . 27.03 -23.00 29.05
N1 TTP G . 26.51 -21.69 29.57
C2 TTP G . 26.96 -20.47 29.03
O2 TTP G . 27.80 -20.53 28.10
N3 TTP G . 26.57 -19.24 29.43
C4 TTP G . 25.68 -19.06 30.40
O4 TTP G . 25.30 -17.93 30.78
C5 TTP G . 25.16 -20.33 31.01
C5M TTP G . 24.15 -20.25 32.13
C6 TTP G . 25.60 -21.58 30.56
#